data_8Q03
#
_entry.id   8Q03
#
_cell.length_a   182.376
_cell.length_b   45.742
_cell.length_c   135.369
_cell.angle_alpha   90.000
_cell.angle_beta   105.630
_cell.angle_gamma   90.000
#
_symmetry.space_group_name_H-M   'C 1 2 1'
#
loop_
_entity.id
_entity.type
_entity.pdbx_description
1 polymer ORF30
2 polymer ORF30
3 non-polymer GLYCEROL
4 non-polymer 'butanoic acid'
5 non-polymer 'SULFATE ION'
6 water water
#
loop_
_entity_poly.entity_id
_entity_poly.type
_entity_poly.pdbx_seq_one_letter_code
_entity_poly.pdbx_strand_id
1 'polypeptide(L)'
;MSHHHHHHSMTAKTPLDPALFRPDAISDETRGINDFIIKAFEAVPEWWEIGAATVREARARGEGGFPLPPKSERARTIEI
EGKGGHKVPLRIIAPESPKGVYLHIHGGGWVLGACDQQDPMLERIAQNAGLACVSVEYRLAPEHPYPAGPDDCEAAALWL
VKNAKKEFGTEVLTIGGESAGGHLSAVTLLRMRDRHGYKGFKGANLVFGAFDMSMSPSQRVFGNERLVLRTVDIQKFGDA
FLPNGEDRRDPDISPLYANLHDMPPALFTVGTRDALVDDTLFMHARWIAAGNEAELGVFPGGAHGFVAFPGEIARAANAQ
ADAFLRRVTGQ
;
A,B
2 'polypeptide(L)'
;MSAKTPLDPALFRPDAISDETRGINDFIIKAFEAVPEWWEIGAATVREARARGEGGFPLPPKSERARTIEIEGKGGHKVP
LRIIAPESPKGVYLHIHGGGWVLGACDQQDPMLERIAQNAGLACVSVEYRLAPEHPYPAGPDDCEAAALWLVKNAKKEFG
TEVLTIGGESAGGHLSAVTLLRMRDRHGYKGFKGANLVFGAFDMSMSPSQRVFGNERLVLRTVDIQKFGDAFLPNGEDRR
DPDISPLYANLHDMPPALFTVGTRDALVDDTLFMHARWIAAGNEAELGVFPGGAHGFVAFPGEIARAANAQADAFLRRVT
GQ
;
C
#
loop_
_chem_comp.id
_chem_comp.type
_chem_comp.name
_chem_comp.formula
BUA non-polymer 'butanoic acid' 'C4 H8 O2'
GOL non-polymer GLYCEROL 'C3 H8 O3'
SO4 non-polymer 'SULFATE ION' 'O4 S -2'
#
# COMPACT_ATOMS: atom_id res chain seq x y z
N THR A 14 -22.78 -14.05 3.32
CA THR A 14 -21.53 -13.52 3.85
C THR A 14 -20.84 -14.55 4.72
N PRO A 15 -19.52 -14.70 4.55
CA PRO A 15 -18.76 -15.58 5.45
C PRO A 15 -18.78 -15.13 6.90
N LEU A 16 -19.20 -13.89 7.18
CA LEU A 16 -19.32 -13.41 8.54
C LEU A 16 -20.72 -13.70 9.07
N ASP A 17 -20.97 -14.99 9.26
CA ASP A 17 -22.20 -15.47 9.86
C ASP A 17 -21.92 -15.79 11.32
N PRO A 18 -22.58 -15.15 12.28
CA PRO A 18 -22.26 -15.43 13.69
C PRO A 18 -22.51 -16.88 14.08
N ALA A 19 -23.39 -17.58 13.37
CA ALA A 19 -23.63 -18.97 13.71
C ALA A 19 -22.35 -19.80 13.60
N LEU A 20 -21.45 -19.44 12.68
CA LEU A 20 -20.21 -20.18 12.52
C LEU A 20 -19.33 -20.10 13.76
N PHE A 21 -19.55 -19.11 14.61
CA PHE A 21 -18.70 -18.86 15.76
C PHE A 21 -19.29 -19.41 17.05
N ARG A 22 -20.48 -19.99 16.99
CA ARG A 22 -21.15 -20.54 18.16
C ARG A 22 -20.78 -22.00 18.35
N PRO A 23 -20.81 -22.48 19.60
CA PRO A 23 -20.33 -23.84 19.88
C PRO A 23 -21.01 -24.93 19.06
N ASP A 24 -22.31 -24.80 18.81
N ASP A 24 -22.32 -24.79 18.82
CA ASP A 24 -23.02 -25.88 18.14
CA ASP A 24 -23.06 -25.84 18.12
C ASP A 24 -22.66 -26.01 16.67
C ASP A 24 -22.59 -26.05 16.70
N ALA A 25 -21.89 -25.09 16.11
CA ALA A 25 -21.42 -25.21 14.73
C ALA A 25 -20.22 -26.14 14.60
N ILE A 26 -19.57 -26.50 15.70
CA ILE A 26 -18.36 -27.32 15.65
C ILE A 26 -18.78 -28.78 15.63
N SER A 27 -18.20 -29.56 14.72
CA SER A 27 -18.54 -30.97 14.63
C SER A 27 -17.86 -31.76 15.75
N ASP A 28 -18.42 -32.93 16.06
CA ASP A 28 -17.74 -33.81 17.00
C ASP A 28 -16.36 -34.21 16.50
N GLU A 29 -16.21 -34.37 15.18
CA GLU A 29 -14.90 -34.72 14.62
C GLU A 29 -13.87 -33.65 14.94
N THR A 30 -14.21 -32.38 14.68
CA THR A 30 -13.27 -31.30 14.93
C THR A 30 -12.92 -31.20 16.41
N ARG A 31 -13.93 -31.32 17.28
CA ARG A 31 -13.68 -31.27 18.72
C ARG A 31 -12.70 -32.34 19.15
N GLY A 32 -12.87 -33.56 18.61
CA GLY A 32 -11.97 -34.64 18.97
C GLY A 32 -10.55 -34.44 18.48
N ILE A 33 -10.40 -33.95 17.24
CA ILE A 33 -9.07 -33.66 16.71
C ILE A 33 -8.38 -32.63 17.60
N ASN A 34 -9.07 -31.54 17.93
CA ASN A 34 -8.50 -30.50 18.78
C ASN A 34 -8.09 -31.05 20.14
N ASP A 35 -8.93 -31.91 20.73
CA ASP A 35 -8.60 -32.43 22.05
C ASP A 35 -7.33 -33.26 22.02
N PHE A 36 -7.16 -34.11 21.01
CA PHE A 36 -5.94 -34.91 20.92
C PHE A 36 -4.72 -34.04 20.75
N ILE A 37 -4.83 -32.96 19.95
CA ILE A 37 -3.67 -32.10 19.73
C ILE A 37 -3.24 -31.43 21.03
N ILE A 38 -4.19 -30.92 21.81
CA ILE A 38 -3.84 -30.29 23.08
C ILE A 38 -3.12 -31.28 23.99
N LYS A 39 -3.70 -32.47 24.18
CA LYS A 39 -3.12 -33.45 25.11
C LYS A 39 -1.76 -33.95 24.62
N ALA A 40 -1.56 -34.03 23.31
CA ALA A 40 -0.29 -34.52 22.78
C ALA A 40 0.87 -33.60 23.14
N PHE A 41 0.67 -32.29 23.04
CA PHE A 41 1.75 -31.32 23.21
C PHE A 41 1.88 -30.79 24.63
N GLU A 42 1.26 -31.46 25.62
CA GLU A 42 1.42 -31.04 27.00
C GLU A 42 2.85 -31.18 27.49
N ALA A 43 3.70 -31.93 26.76
CA ALA A 43 5.06 -32.19 27.19
C ALA A 43 6.13 -31.74 26.20
N VAL A 44 5.76 -31.45 24.96
CA VAL A 44 6.73 -30.98 23.96
C VAL A 44 7.48 -29.79 24.55
N PRO A 45 8.81 -29.90 24.72
CA PRO A 45 9.56 -28.80 25.32
C PRO A 45 9.46 -27.54 24.46
N GLU A 46 9.74 -26.41 25.09
CA GLU A 46 9.64 -25.13 24.41
C GLU A 46 11.00 -24.71 23.85
N TRP A 47 10.99 -24.23 22.60
CA TRP A 47 12.25 -23.92 21.94
C TRP A 47 13.02 -22.83 22.65
N TRP A 48 12.32 -21.90 23.33
CA TRP A 48 13.05 -20.87 24.05
C TRP A 48 13.71 -21.40 25.31
N GLU A 49 13.35 -22.60 25.75
CA GLU A 49 14.03 -23.23 26.88
C GLU A 49 15.23 -24.05 26.45
N ILE A 50 15.10 -24.85 25.39
CA ILE A 50 16.19 -25.76 25.03
C ILE A 50 17.01 -25.30 23.83
N GLY A 51 16.53 -24.31 23.08
CA GLY A 51 17.34 -23.82 21.96
C GLY A 51 16.64 -24.01 20.64
N ALA A 52 16.55 -22.91 19.88
CA ALA A 52 15.89 -22.95 18.57
C ALA A 52 16.54 -23.96 17.64
N ALA A 53 17.87 -23.92 17.52
CA ALA A 53 18.54 -24.84 16.60
C ALA A 53 18.33 -26.30 17.02
N THR A 54 18.33 -26.56 18.33
CA THR A 54 18.10 -27.92 18.79
C THR A 54 16.71 -28.41 18.38
N VAL A 55 15.70 -27.56 18.54
CA VAL A 55 14.34 -27.94 18.13
C VAL A 55 14.25 -28.09 16.63
N ARG A 56 14.90 -27.20 15.87
CA ARG A 56 14.87 -27.26 14.41
C ARG A 56 15.43 -28.58 13.91
N GLU A 57 16.62 -28.95 14.40
CA GLU A 57 17.26 -30.17 13.94
C GLU A 57 16.41 -31.39 14.26
N ALA A 58 15.85 -31.45 15.46
CA ALA A 58 15.00 -32.57 15.82
C ALA A 58 13.79 -32.67 14.89
N ARG A 59 13.14 -31.54 14.62
N ARG A 59 13.14 -31.54 14.62
CA ARG A 59 11.96 -31.55 13.75
CA ARG A 59 11.96 -31.56 13.75
C ARG A 59 12.31 -32.03 12.35
C ARG A 59 12.31 -32.03 12.35
N ALA A 60 13.47 -31.61 11.83
CA ALA A 60 13.86 -32.02 10.49
C ALA A 60 14.12 -33.52 10.42
N ARG A 61 14.50 -34.13 11.54
CA ARG A 61 14.66 -35.57 11.60
C ARG A 61 13.36 -36.30 11.86
N GLY A 62 12.25 -35.58 11.97
CA GLY A 62 10.98 -36.20 12.30
C GLY A 62 10.83 -36.57 13.76
N GLU A 63 11.57 -35.91 14.66
CA GLU A 63 11.48 -36.16 16.09
C GLU A 63 10.69 -35.03 16.74
N GLY A 64 9.67 -35.38 17.51
CA GLY A 64 8.86 -34.39 18.17
C GLY A 64 8.00 -33.57 17.23
N GLY A 65 7.08 -32.79 17.79
CA GLY A 65 6.18 -32.01 16.98
C GLY A 65 5.19 -32.89 16.22
N PHE A 66 4.49 -32.24 15.28
CA PHE A 66 3.56 -32.94 14.43
C PHE A 66 4.32 -33.87 13.49
N PRO A 67 3.61 -34.80 12.85
CA PRO A 67 4.26 -35.64 11.84
C PRO A 67 4.93 -34.78 10.78
N LEU A 68 6.06 -35.28 10.28
CA LEU A 68 6.74 -34.64 9.16
C LEU A 68 6.15 -35.15 7.86
N PRO A 69 5.56 -34.30 7.03
CA PRO A 69 4.96 -34.77 5.77
C PRO A 69 6.01 -35.36 4.86
N PRO A 70 5.67 -36.42 4.13
CA PRO A 70 6.65 -37.07 3.26
C PRO A 70 7.06 -36.15 2.11
N LYS A 71 8.34 -36.20 1.77
CA LYS A 71 8.87 -35.40 0.67
C LYS A 71 8.54 -36.03 -0.67
N SER A 72 8.41 -35.18 -1.68
CA SER A 72 8.10 -35.62 -3.04
C SER A 72 9.39 -35.92 -3.80
N GLU A 73 9.35 -37.01 -4.57
CA GLU A 73 10.51 -37.39 -5.37
C GLU A 73 10.81 -36.41 -6.49
N ARG A 74 9.81 -35.65 -6.94
CA ARG A 74 10.02 -34.74 -8.06
C ARG A 74 10.49 -33.35 -7.62
N ALA A 75 10.70 -33.13 -6.33
CA ALA A 75 11.21 -31.83 -5.89
C ALA A 75 12.65 -31.63 -6.34
N ARG A 76 12.95 -30.40 -6.76
CA ARG A 76 14.32 -29.99 -7.07
C ARG A 76 14.60 -28.68 -6.36
N THR A 77 15.88 -28.39 -6.16
CA THR A 77 16.29 -27.22 -5.39
C THR A 77 17.29 -26.39 -6.18
N ILE A 78 17.07 -25.08 -6.20
CA ILE A 78 18.02 -24.13 -6.74
C ILE A 78 18.36 -23.12 -5.66
N GLU A 79 19.40 -22.32 -5.92
CA GLU A 79 19.80 -21.27 -4.98
C GLU A 79 19.95 -19.96 -5.72
N ILE A 80 19.46 -18.88 -5.10
CA ILE A 80 19.59 -17.55 -5.65
C ILE A 80 20.36 -16.68 -4.68
N GLU A 81 20.84 -15.54 -5.18
CA GLU A 81 21.69 -14.64 -4.40
C GLU A 81 20.84 -13.82 -3.44
N GLY A 82 21.21 -13.82 -2.16
CA GLY A 82 20.55 -13.02 -1.15
C GLY A 82 21.29 -11.73 -0.83
N LYS A 83 20.61 -10.84 -0.12
CA LYS A 83 21.18 -9.56 0.25
C LYS A 83 22.34 -9.77 1.23
N GLY A 84 23.53 -9.34 0.82
CA GLY A 84 24.72 -9.57 1.62
C GLY A 84 25.58 -10.73 1.19
N GLY A 85 25.11 -11.54 0.24
CA GLY A 85 25.96 -12.54 -0.38
C GLY A 85 25.68 -13.98 0.02
N HIS A 86 24.77 -14.23 0.96
CA HIS A 86 24.37 -15.60 1.23
C HIS A 86 23.49 -16.12 0.10
N LYS A 87 23.25 -17.43 0.10
CA LYS A 87 22.39 -18.09 -0.88
C LYS A 87 21.04 -18.40 -0.24
N VAL A 88 19.96 -18.16 -0.99
CA VAL A 88 18.60 -18.44 -0.57
C VAL A 88 18.09 -19.64 -1.36
N PRO A 89 17.92 -20.81 -0.75
CA PRO A 89 17.39 -21.96 -1.50
C PRO A 89 15.92 -21.81 -1.82
N LEU A 90 15.53 -22.31 -2.99
CA LEU A 90 14.15 -22.37 -3.44
C LEU A 90 13.84 -23.82 -3.84
N ARG A 91 12.76 -24.38 -3.29
CA ARG A 91 12.34 -25.75 -3.57
C ARG A 91 11.20 -25.73 -4.58
N ILE A 92 11.35 -26.50 -5.67
CA ILE A 92 10.47 -26.42 -6.83
C ILE A 92 9.78 -27.77 -7.03
N ILE A 93 8.45 -27.75 -7.05
CA ILE A 93 7.65 -28.90 -7.46
C ILE A 93 6.70 -28.39 -8.54
N ALA A 94 6.85 -28.90 -9.76
CA ALA A 94 6.18 -28.30 -10.90
C ALA A 94 5.62 -29.35 -11.85
N PRO A 95 4.43 -29.12 -12.39
CA PRO A 95 3.90 -30.00 -13.44
C PRO A 95 4.58 -29.73 -14.77
N GLU A 96 4.27 -30.58 -15.75
CA GLU A 96 4.96 -30.54 -17.03
C GLU A 96 4.81 -29.19 -17.72
N SER A 97 3.57 -28.68 -17.79
CA SER A 97 3.26 -27.44 -18.51
C SER A 97 2.51 -26.51 -17.57
N PRO A 98 3.24 -25.80 -16.71
CA PRO A 98 2.58 -24.99 -15.67
C PRO A 98 1.65 -23.93 -16.25
N LYS A 99 0.52 -23.73 -15.57
CA LYS A 99 -0.41 -22.66 -15.91
C LYS A 99 -0.12 -21.37 -15.14
N GLY A 100 0.87 -21.40 -14.27
CA GLY A 100 1.23 -20.27 -13.44
C GLY A 100 2.24 -20.76 -12.42
N VAL A 101 2.59 -19.85 -11.50
CA VAL A 101 3.55 -20.14 -10.44
C VAL A 101 2.91 -19.79 -9.11
N TYR A 102 3.19 -20.59 -8.08
CA TYR A 102 2.77 -20.30 -6.71
C TYR A 102 4.01 -20.16 -5.87
N LEU A 103 4.28 -18.93 -5.43
CA LEU A 103 5.41 -18.65 -4.55
C LEU A 103 4.92 -18.88 -3.13
N HIS A 104 5.44 -19.93 -2.49
CA HIS A 104 4.96 -20.36 -1.18
C HIS A 104 5.98 -20.01 -0.11
N ILE A 105 5.49 -19.53 1.04
CA ILE A 105 6.33 -19.16 2.18
C ILE A 105 5.81 -19.90 3.42
N HIS A 106 6.65 -20.76 3.98
CA HIS A 106 6.25 -21.60 5.11
C HIS A 106 6.10 -20.79 6.39
N GLY A 107 5.33 -21.36 7.32
CA GLY A 107 5.17 -20.80 8.64
C GLY A 107 6.10 -21.42 9.67
N GLY A 108 5.88 -21.06 10.93
CA GLY A 108 6.78 -21.46 12.00
C GLY A 108 7.25 -20.32 12.88
N GLY A 109 6.47 -19.23 12.95
CA GLY A 109 6.79 -18.17 13.90
C GLY A 109 8.06 -17.39 13.59
N TRP A 110 8.49 -17.36 12.33
CA TRP A 110 9.73 -16.72 11.91
C TRP A 110 10.98 -17.42 12.48
N VAL A 111 10.81 -18.56 13.16
CA VAL A 111 11.86 -19.22 13.92
C VAL A 111 12.05 -20.66 13.48
N LEU A 112 10.96 -21.37 13.17
CA LEU A 112 10.96 -22.79 12.85
C LEU A 112 10.46 -23.02 11.42
N GLY A 113 10.51 -24.29 11.00
CA GLY A 113 10.02 -24.69 9.69
C GLY A 113 11.10 -24.69 8.63
N ALA A 114 10.71 -25.14 7.43
CA ALA A 114 11.64 -25.25 6.32
C ALA A 114 10.86 -25.37 5.01
N CYS A 115 11.57 -25.12 3.91
CA CYS A 115 10.94 -25.17 2.58
C CYS A 115 10.54 -26.58 2.17
N ASP A 116 11.00 -27.62 2.87
CA ASP A 116 10.77 -29.00 2.46
C ASP A 116 9.89 -29.76 3.44
N GLN A 117 9.13 -29.05 4.28
CA GLN A 117 8.30 -29.69 5.29
C GLN A 117 6.81 -29.69 4.95
N GLN A 118 6.46 -29.41 3.69
CA GLN A 118 5.06 -29.37 3.29
C GLN A 118 4.89 -29.79 1.83
N ASP A 119 5.64 -30.81 1.40
CA ASP A 119 5.55 -31.27 0.02
C ASP A 119 4.14 -31.73 -0.38
N PRO A 120 3.38 -32.45 0.45
CA PRO A 120 2.03 -32.83 0.02
C PRO A 120 1.16 -31.65 -0.39
N MET A 121 1.24 -30.54 0.35
CA MET A 121 0.48 -29.36 -0.01
C MET A 121 0.94 -28.78 -1.35
N LEU A 122 2.25 -28.75 -1.58
CA LEU A 122 2.73 -28.24 -2.86
C LEU A 122 2.29 -29.15 -4.00
N GLU A 123 2.35 -30.47 -3.77
CA GLU A 123 1.87 -31.43 -4.77
C GLU A 123 0.38 -31.25 -5.03
N ARG A 124 -0.39 -30.96 -3.99
CA ARG A 124 -1.84 -30.74 -4.16
C ARG A 124 -2.10 -29.56 -5.09
N ILE A 125 -1.36 -28.47 -4.91
CA ILE A 125 -1.59 -27.27 -5.70
C ILE A 125 -1.09 -27.47 -7.13
N ALA A 126 0.06 -28.13 -7.29
CA ALA A 126 0.55 -28.45 -8.62
C ALA A 126 -0.45 -29.32 -9.38
N GLN A 127 -1.05 -30.30 -8.70
CA GLN A 127 -1.99 -31.20 -9.35
C GLN A 127 -3.35 -30.54 -9.57
N ASN A 128 -3.90 -29.86 -8.55
CA ASN A 128 -5.27 -29.38 -8.61
C ASN A 128 -5.41 -27.99 -9.23
N ALA A 129 -4.35 -27.18 -9.22
CA ALA A 129 -4.38 -25.89 -9.90
C ALA A 129 -3.37 -25.78 -11.02
N GLY A 130 -2.56 -26.81 -11.24
CA GLY A 130 -1.62 -26.80 -12.35
C GLY A 130 -0.50 -25.78 -12.24
N LEU A 131 -0.14 -25.38 -11.03
CA LEU A 131 0.86 -24.35 -10.84
C LEU A 131 2.22 -24.96 -10.49
N ALA A 132 3.29 -24.32 -10.98
CA ALA A 132 4.62 -24.62 -10.47
C ALA A 132 4.77 -23.97 -9.10
N CYS A 133 5.15 -24.77 -8.11
CA CYS A 133 5.26 -24.30 -6.73
C CYS A 133 6.73 -24.08 -6.41
N VAL A 134 7.02 -22.93 -5.81
CA VAL A 134 8.37 -22.50 -5.42
C VAL A 134 8.29 -22.10 -3.95
N SER A 135 8.88 -22.91 -3.07
CA SER A 135 8.81 -22.67 -1.63
C SER A 135 10.16 -22.13 -1.14
N VAL A 136 10.11 -21.02 -0.38
CA VAL A 136 11.30 -20.23 -0.06
C VAL A 136 11.92 -20.70 1.26
N GLU A 137 13.21 -20.99 1.23
CA GLU A 137 13.97 -21.27 2.45
C GLU A 137 14.57 -19.96 2.95
N TYR A 138 13.75 -19.17 3.66
CA TYR A 138 14.21 -17.90 4.18
C TYR A 138 14.94 -18.07 5.52
N ARG A 139 15.83 -17.12 5.83
CA ARG A 139 16.58 -17.17 7.08
C ARG A 139 15.66 -17.01 8.28
N LEU A 140 16.02 -17.71 9.37
CA LEU A 140 15.17 -17.78 10.55
C LEU A 140 15.79 -17.09 11.75
N ALA A 141 14.91 -16.50 12.57
CA ALA A 141 15.27 -16.00 13.88
C ALA A 141 15.37 -17.15 14.87
N PRO A 142 16.01 -16.94 16.03
CA PRO A 142 16.64 -15.71 16.53
C PRO A 142 17.98 -15.43 15.87
N GLU A 143 18.59 -16.38 15.16
CA GLU A 143 19.89 -16.15 14.55
C GLU A 143 19.85 -15.00 13.56
N HIS A 144 18.79 -14.94 12.75
CA HIS A 144 18.63 -13.93 11.70
C HIS A 144 17.30 -13.23 11.90
N PRO A 145 17.25 -12.22 12.76
CA PRO A 145 15.99 -11.53 13.04
C PRO A 145 15.61 -10.58 11.91
N TYR A 146 14.44 -9.93 12.08
CA TYR A 146 13.99 -8.94 11.11
C TYR A 146 15.14 -7.98 10.78
N PRO A 147 15.35 -7.62 9.52
CA PRO A 147 14.54 -7.94 8.32
C PRO A 147 15.03 -9.11 7.49
N ALA A 148 15.80 -10.06 8.04
CA ALA A 148 16.41 -11.12 7.22
C ALA A 148 15.34 -11.94 6.48
N GLY A 149 14.33 -12.42 7.20
CA GLY A 149 13.26 -13.19 6.60
C GLY A 149 12.60 -12.47 5.43
N PRO A 150 12.07 -11.27 5.69
CA PRO A 150 11.47 -10.49 4.60
C PRO A 150 12.42 -10.22 3.45
N ASP A 151 13.70 -9.95 3.74
CA ASP A 151 14.68 -9.69 2.69
C ASP A 151 14.81 -10.89 1.76
N ASP A 152 14.78 -12.10 2.32
CA ASP A 152 14.92 -13.29 1.49
C ASP A 152 13.65 -13.55 0.68
N CYS A 153 12.48 -13.30 1.27
CA CYS A 153 11.23 -13.48 0.52
C CYS A 153 11.12 -12.46 -0.61
N GLU A 154 11.59 -11.23 -0.37
CA GLU A 154 11.60 -10.23 -1.44
C GLU A 154 12.55 -10.64 -2.56
N ALA A 155 13.73 -11.15 -2.20
CA ALA A 155 14.68 -11.64 -3.20
C ALA A 155 14.07 -12.74 -4.05
N ALA A 156 13.32 -13.65 -3.42
CA ALA A 156 12.66 -14.73 -4.16
C ALA A 156 11.60 -14.19 -5.11
N ALA A 157 10.79 -13.23 -4.65
CA ALA A 157 9.75 -12.67 -5.50
C ALA A 157 10.35 -11.91 -6.69
N LEU A 158 11.40 -11.12 -6.43
CA LEU A 158 12.07 -10.41 -7.52
C LEU A 158 12.67 -11.39 -8.52
N TRP A 159 13.33 -12.43 -8.03
CA TRP A 159 13.88 -13.46 -8.91
C TRP A 159 12.79 -14.07 -9.79
N LEU A 160 11.61 -14.33 -9.21
N LEU A 160 11.63 -14.37 -9.20
CA LEU A 160 10.53 -14.93 -9.97
CA LEU A 160 10.53 -14.93 -9.99
C LEU A 160 9.96 -13.97 -11.02
C LEU A 160 10.06 -13.95 -11.06
N VAL A 161 9.82 -12.68 -10.67
CA VAL A 161 9.36 -11.71 -11.65
C VAL A 161 10.31 -11.66 -12.86
N LYS A 162 11.62 -11.78 -12.59
CA LYS A 162 12.63 -11.67 -13.63
C LYS A 162 12.79 -12.95 -14.43
N ASN A 163 12.56 -14.11 -13.81
CA ASN A 163 12.96 -15.38 -14.40
C ASN A 163 11.84 -16.37 -14.64
N ALA A 164 10.59 -16.05 -14.27
CA ALA A 164 9.53 -17.06 -14.37
C ALA A 164 9.31 -17.51 -15.81
N LYS A 165 9.33 -16.56 -16.76
CA LYS A 165 9.05 -16.93 -18.14
C LYS A 165 10.08 -17.92 -18.64
N LYS A 166 11.35 -17.68 -18.36
CA LYS A 166 12.39 -18.57 -18.86
C LYS A 166 12.44 -19.89 -18.09
N GLU A 167 12.10 -19.87 -16.81
CA GLU A 167 12.19 -21.08 -15.99
C GLU A 167 10.95 -21.97 -16.10
N PHE A 168 9.77 -21.37 -16.19
CA PHE A 168 8.52 -22.12 -16.14
C PHE A 168 7.63 -21.92 -17.35
N GLY A 169 8.00 -21.03 -18.28
CA GLY A 169 7.21 -20.79 -19.46
C GLY A 169 5.99 -19.92 -19.25
N THR A 170 5.87 -19.28 -18.08
CA THR A 170 4.70 -18.48 -17.76
C THR A 170 5.12 -17.37 -16.80
N GLU A 171 4.43 -16.24 -16.89
CA GLU A 171 4.60 -15.11 -15.99
C GLU A 171 3.37 -14.85 -15.14
N VAL A 172 2.47 -15.82 -15.06
CA VAL A 172 1.29 -15.72 -14.20
C VAL A 172 1.71 -16.15 -12.80
N LEU A 173 1.76 -15.20 -11.86
CA LEU A 173 2.32 -15.43 -10.54
C LEU A 173 1.27 -15.29 -9.44
N THR A 174 1.36 -16.16 -8.43
CA THR A 174 0.58 -16.05 -7.20
C THR A 174 1.52 -16.23 -6.01
N ILE A 175 1.03 -15.89 -4.82
CA ILE A 175 1.82 -15.98 -3.60
C ILE A 175 0.93 -16.49 -2.48
N GLY A 176 1.52 -17.16 -1.50
CA GLY A 176 0.73 -17.57 -0.34
C GLY A 176 1.59 -18.26 0.72
N GLY A 177 0.97 -18.47 1.88
CA GLY A 177 1.65 -19.11 2.98
C GLY A 177 0.79 -19.10 4.23
N GLU A 178 1.28 -19.84 5.23
CA GLU A 178 0.54 -20.10 6.46
C GLU A 178 1.20 -19.38 7.64
N SER A 179 0.37 -18.67 8.43
N SER A 179 0.37 -18.74 8.47
CA SER A 179 0.78 -18.10 9.72
CA SER A 179 0.82 -18.19 9.77
C SER A 179 1.89 -17.08 9.50
C SER A 179 1.88 -17.13 9.50
N ALA A 180 3.11 -17.29 10.04
CA ALA A 180 4.21 -16.38 9.69
C ALA A 180 4.43 -16.30 8.18
N GLY A 181 4.11 -17.37 7.45
CA GLY A 181 4.24 -17.33 6.01
C GLY A 181 3.18 -16.47 5.34
N GLY A 182 2.00 -16.36 5.96
CA GLY A 182 1.01 -15.45 5.45
C GLY A 182 1.37 -14.01 5.76
N HIS A 183 1.95 -13.79 6.94
CA HIS A 183 2.57 -12.50 7.24
C HIS A 183 3.59 -12.12 6.17
N LEU A 184 4.54 -13.01 5.91
CA LEU A 184 5.61 -12.70 4.97
C LEU A 184 5.10 -12.52 3.55
N SER A 185 4.01 -13.21 3.19
CA SER A 185 3.41 -13.02 1.86
C SER A 185 2.90 -11.59 1.69
N ALA A 186 2.19 -11.10 2.71
CA ALA A 186 1.69 -9.71 2.65
C ALA A 186 2.84 -8.71 2.65
N VAL A 187 3.85 -8.91 3.51
CA VAL A 187 5.02 -8.03 3.54
C VAL A 187 5.67 -7.99 2.16
N THR A 188 5.79 -9.16 1.51
CA THR A 188 6.44 -9.25 0.20
C THR A 188 5.64 -8.54 -0.88
N LEU A 189 4.31 -8.73 -0.89
CA LEU A 189 3.47 -8.02 -1.85
C LEU A 189 3.68 -6.51 -1.75
N LEU A 190 3.71 -5.99 -0.52
CA LEU A 190 3.86 -4.55 -0.32
C LEU A 190 5.23 -4.07 -0.74
N ARG A 191 6.28 -4.83 -0.40
CA ARG A 191 7.63 -4.48 -0.84
C ARG A 191 7.75 -4.49 -2.36
N MET A 192 7.16 -5.49 -3.03
CA MET A 192 7.26 -5.53 -4.49
C MET A 192 6.61 -4.28 -5.10
N ARG A 193 5.48 -3.84 -4.55
CA ARG A 193 4.81 -2.65 -5.03
C ARG A 193 5.65 -1.40 -4.74
N ASP A 194 6.06 -1.23 -3.47
CA ASP A 194 6.70 0.01 -3.02
C ASP A 194 8.13 0.14 -3.53
N ARG A 195 8.94 -0.93 -3.38
CA ARG A 195 10.36 -0.84 -3.71
C ARG A 195 10.63 -1.06 -5.19
N HIS A 196 9.75 -1.78 -5.90
CA HIS A 196 10.06 -2.19 -7.26
C HIS A 196 9.00 -1.81 -8.29
N GLY A 197 7.87 -1.25 -7.86
CA GLY A 197 6.80 -0.90 -8.78
C GLY A 197 6.11 -2.09 -9.41
N TYR A 198 6.24 -3.28 -8.85
CA TYR A 198 5.59 -4.47 -9.38
C TYR A 198 4.26 -4.69 -8.67
N LYS A 199 3.17 -4.77 -9.44
CA LYS A 199 1.83 -5.01 -8.89
C LYS A 199 1.10 -6.08 -9.69
N GLY A 200 1.85 -7.06 -10.20
CA GLY A 200 1.34 -8.03 -11.14
C GLY A 200 0.94 -9.38 -10.60
N PHE A 201 1.08 -9.63 -9.28
CA PHE A 201 0.58 -10.91 -8.76
C PHE A 201 -0.91 -11.02 -9.02
N LYS A 202 -1.37 -12.24 -9.35
CA LYS A 202 -2.77 -12.50 -9.65
C LYS A 202 -3.60 -12.82 -8.41
N GLY A 203 -2.96 -13.30 -7.34
CA GLY A 203 -3.70 -13.66 -6.14
C GLY A 203 -2.77 -13.94 -4.98
N ALA A 204 -3.34 -13.84 -3.77
CA ALA A 204 -2.64 -14.10 -2.52
C ALA A 204 -3.45 -15.08 -1.70
N ASN A 205 -2.86 -16.22 -1.35
CA ASN A 205 -3.51 -17.26 -0.53
C ASN A 205 -2.99 -17.11 0.90
N LEU A 206 -3.75 -16.38 1.72
CA LEU A 206 -3.29 -15.95 3.05
C LEU A 206 -3.95 -16.82 4.12
N VAL A 207 -3.24 -17.85 4.57
CA VAL A 207 -3.80 -18.90 5.42
C VAL A 207 -3.46 -18.58 6.87
N PHE A 208 -4.49 -18.26 7.67
CA PHE A 208 -4.35 -17.81 9.06
C PHE A 208 -3.07 -17.03 9.32
N GLY A 209 -2.90 -15.92 8.60
CA GLY A 209 -1.70 -15.14 8.74
C GLY A 209 -1.70 -14.28 9.98
N ALA A 210 -0.50 -13.88 10.39
CA ALA A 210 -0.32 -12.86 11.42
C ALA A 210 -0.09 -11.53 10.72
N PHE A 211 -0.90 -10.52 11.03
CA PHE A 211 -0.77 -9.23 10.37
C PHE A 211 -0.53 -8.06 11.30
N ASP A 212 -0.74 -8.24 12.60
CA ASP A 212 -0.54 -7.19 13.60
C ASP A 212 0.44 -7.70 14.66
N MET A 213 1.70 -7.27 14.56
CA MET A 213 2.72 -7.68 15.52
C MET A 213 2.60 -6.96 16.86
N SER A 214 1.73 -5.95 16.96
CA SER A 214 1.43 -5.35 18.25
C SER A 214 0.37 -6.13 19.02
N MET A 215 -0.18 -7.18 18.42
CA MET A 215 -1.12 -8.13 19.04
C MET A 215 -2.56 -7.63 19.00
N SER A 216 -3.38 -8.24 18.14
CA SER A 216 -4.78 -7.88 18.00
C SER A 216 -5.55 -8.40 19.22
N PRO A 217 -6.83 -8.01 19.36
CA PRO A 217 -7.57 -8.40 20.57
C PRO A 217 -7.61 -9.91 20.80
N SER A 218 -7.90 -10.70 19.76
CA SER A 218 -7.99 -12.14 19.97
C SER A 218 -6.65 -12.75 20.36
N GLN A 219 -5.54 -12.18 19.89
CA GLN A 219 -4.22 -12.72 20.26
C GLN A 219 -3.98 -12.57 21.75
N ARG A 220 -4.45 -11.46 22.32
CA ARG A 220 -4.14 -11.14 23.71
C ARG A 220 -4.89 -12.01 24.69
N VAL A 221 -6.07 -12.50 24.31
CA VAL A 221 -6.95 -13.20 25.25
C VAL A 221 -7.10 -14.67 24.94
N PHE A 222 -6.39 -15.20 23.94
CA PHE A 222 -6.56 -16.62 23.63
C PHE A 222 -6.16 -17.49 24.82
N GLY A 223 -5.08 -17.12 25.50
CA GLY A 223 -4.64 -17.89 26.64
C GLY A 223 -3.62 -18.94 26.28
N ASN A 224 -3.32 -19.80 27.25
CA ASN A 224 -2.20 -20.72 27.10
C ASN A 224 -2.60 -22.20 27.09
N GLU A 225 -3.88 -22.50 26.86
CA GLU A 225 -4.23 -23.87 26.52
C GLU A 225 -3.56 -24.21 25.18
N ARG A 226 -2.83 -25.32 25.15
CA ARG A 226 -1.88 -25.55 24.06
C ARG A 226 -2.58 -26.15 22.83
N LEU A 227 -3.53 -25.40 22.29
CA LEU A 227 -4.14 -25.77 20.99
C LEU A 227 -3.33 -25.09 19.89
N VAL A 228 -2.16 -25.67 19.63
CA VAL A 228 -1.25 -25.28 18.56
C VAL A 228 -0.48 -24.00 18.85
N LEU A 229 -1.20 -22.90 19.09
CA LEU A 229 -0.59 -21.58 19.21
C LEU A 229 -1.22 -20.85 20.41
N ARG A 230 -0.44 -20.66 21.46
CA ARG A 230 -0.88 -19.95 22.65
C ARG A 230 -0.48 -18.48 22.56
N THR A 231 -1.09 -17.67 23.43
CA THR A 231 -0.64 -16.29 23.56
C THR A 231 0.86 -16.22 23.84
N VAL A 232 1.36 -17.09 24.74
CA VAL A 232 2.79 -17.06 25.07
C VAL A 232 3.65 -17.42 23.86
N ASP A 233 3.19 -18.32 22.99
CA ASP A 233 3.93 -18.63 21.78
C ASP A 233 4.08 -17.41 20.89
N ILE A 234 2.97 -16.69 20.68
CA ILE A 234 3.01 -15.46 19.87
C ILE A 234 4.03 -14.50 20.44
N GLN A 235 4.03 -14.32 21.76
CA GLN A 235 4.94 -13.38 22.41
C GLN A 235 6.39 -13.78 22.17
N LYS A 236 6.71 -15.06 22.38
CA LYS A 236 8.09 -15.53 22.22
C LYS A 236 8.55 -15.46 20.77
N PHE A 237 7.71 -15.90 19.83
CA PHE A 237 8.08 -15.80 18.41
C PHE A 237 8.35 -14.34 18.04
N GLY A 238 7.46 -13.43 18.44
CA GLY A 238 7.62 -12.04 18.07
C GLY A 238 8.89 -11.44 18.64
N ASP A 239 9.23 -11.82 19.88
CA ASP A 239 10.44 -11.29 20.50
C ASP A 239 11.69 -11.80 19.81
N ALA A 240 11.65 -13.04 19.29
CA ALA A 240 12.80 -13.56 18.54
C ALA A 240 12.96 -12.85 17.21
N PHE A 241 11.84 -12.59 16.53
CA PHE A 241 11.85 -11.93 15.22
C PHE A 241 12.20 -10.43 15.35
N LEU A 242 11.76 -9.80 16.44
CA LEU A 242 11.86 -8.35 16.63
C LEU A 242 12.52 -8.05 17.97
N PRO A 243 13.81 -8.33 18.09
CA PRO A 243 14.51 -8.18 19.38
C PRO A 243 15.10 -6.81 19.66
N ASN A 244 14.96 -5.83 18.76
CA ASN A 244 15.78 -4.62 18.81
C ASN A 244 14.97 -3.34 19.04
N GLY A 245 13.83 -3.44 19.72
CA GLY A 245 13.03 -2.26 19.97
C GLY A 245 12.32 -1.71 18.75
N GLU A 246 12.07 -2.54 17.73
CA GLU A 246 11.37 -2.09 16.55
C GLU A 246 9.96 -1.62 16.91
N ASP A 247 9.45 -0.65 16.13
CA ASP A 247 8.06 -0.20 16.26
C ASP A 247 7.14 -1.26 15.67
N ARG A 248 6.38 -1.93 16.53
CA ARG A 248 5.60 -3.05 16.04
C ARG A 248 4.34 -2.66 15.29
N ARG A 249 4.08 -1.36 15.12
CA ARG A 249 3.03 -0.93 14.20
C ARG A 249 3.59 -0.34 12.90
N ASP A 250 4.90 -0.46 12.68
CA ASP A 250 5.48 -0.05 11.39
C ASP A 250 4.90 -0.91 10.27
N PRO A 251 4.56 -0.31 9.13
CA PRO A 251 3.84 -1.07 8.09
C PRO A 251 4.65 -2.18 7.45
N ASP A 252 5.99 -2.12 7.50
CA ASP A 252 6.80 -3.23 6.98
C ASP A 252 6.88 -4.39 7.97
N ILE A 253 6.59 -4.13 9.24
CA ILE A 253 6.56 -5.16 10.27
C ILE A 253 5.15 -5.71 10.46
N SER A 254 4.14 -4.82 10.44
CA SER A 254 2.74 -5.18 10.62
C SER A 254 1.97 -4.72 9.40
N PRO A 255 1.77 -5.61 8.41
CA PRO A 255 1.08 -5.19 7.18
C PRO A 255 -0.33 -4.68 7.40
N LEU A 256 -0.96 -5.01 8.53
CA LEU A 256 -2.26 -4.44 8.85
C LEU A 256 -2.24 -2.90 8.85
N TYR A 257 -1.09 -2.28 9.10
CA TYR A 257 -0.97 -0.82 9.14
C TYR A 257 -0.56 -0.20 7.81
N ALA A 258 -0.28 -0.99 6.80
CA ALA A 258 0.15 -0.45 5.52
C ALA A 258 -1.02 0.07 4.69
N ASN A 259 -0.71 0.93 3.73
N ASN A 259 -0.69 0.97 3.77
CA ASN A 259 -1.69 1.34 2.73
CA ASN A 259 -1.61 1.30 2.69
C ASN A 259 -1.78 0.23 1.69
C ASN A 259 -1.74 0.09 1.79
N LEU A 260 -2.97 -0.32 1.50
CA LEU A 260 -3.18 -1.56 0.74
C LEU A 260 -3.66 -1.32 -0.70
N HIS A 261 -3.38 -0.16 -1.28
CA HIS A 261 -3.80 0.05 -2.66
C HIS A 261 -3.09 -0.91 -3.61
N ASP A 262 -3.77 -1.24 -4.71
CA ASP A 262 -3.15 -1.99 -5.80
C ASP A 262 -2.72 -3.40 -5.38
N MET A 263 -3.44 -4.04 -4.45
CA MET A 263 -3.15 -5.40 -4.04
C MET A 263 -3.96 -6.39 -4.87
N PRO A 264 -3.50 -7.63 -4.99
CA PRO A 264 -4.23 -8.62 -5.79
C PRO A 264 -5.40 -9.19 -5.01
N PRO A 265 -6.31 -9.87 -5.69
CA PRO A 265 -7.35 -10.63 -4.98
C PRO A 265 -6.72 -11.57 -3.96
N ALA A 266 -7.36 -11.69 -2.80
CA ALA A 266 -6.84 -12.53 -1.73
C ALA A 266 -7.92 -13.49 -1.24
N LEU A 267 -7.48 -14.66 -0.78
CA LEU A 267 -8.30 -15.58 0.00
C LEU A 267 -7.73 -15.60 1.41
N PHE A 268 -8.59 -15.32 2.39
CA PHE A 268 -8.24 -15.38 3.80
C PHE A 268 -8.95 -16.58 4.41
N THR A 269 -8.17 -17.49 5.02
CA THR A 269 -8.68 -18.72 5.63
C THR A 269 -8.36 -18.68 7.12
N VAL A 270 -9.34 -19.00 7.97
CA VAL A 270 -9.08 -19.06 9.41
C VAL A 270 -10.12 -19.95 10.09
N GLY A 271 -9.70 -20.60 11.20
CA GLY A 271 -10.59 -21.33 12.06
C GLY A 271 -11.03 -20.46 13.25
N THR A 272 -12.18 -20.80 13.82
CA THR A 272 -12.76 -19.95 14.86
C THR A 272 -12.10 -20.13 16.20
N ARG A 273 -11.24 -21.14 16.36
CA ARG A 273 -10.52 -21.39 17.61
C ARG A 273 -9.03 -21.09 17.46
N ASP A 274 -8.72 -20.04 16.71
CA ASP A 274 -7.37 -19.58 16.43
C ASP A 274 -7.15 -18.26 17.14
N ALA A 275 -6.06 -18.15 17.90
CA ALA A 275 -5.69 -16.87 18.49
C ALA A 275 -5.61 -15.74 17.47
N LEU A 276 -5.30 -16.07 16.21
CA LEU A 276 -5.15 -15.06 15.16
C LEU A 276 -6.43 -14.79 14.40
N VAL A 277 -7.60 -15.14 14.96
CA VAL A 277 -8.84 -14.91 14.23
C VAL A 277 -8.99 -13.43 13.87
N ASP A 278 -8.73 -12.53 14.82
CA ASP A 278 -8.92 -11.11 14.52
C ASP A 278 -7.97 -10.63 13.43
N ASP A 279 -6.74 -11.20 13.37
CA ASP A 279 -5.81 -10.78 12.32
C ASP A 279 -6.40 -11.03 10.93
N THR A 280 -7.03 -12.19 10.74
CA THR A 280 -7.64 -12.48 9.44
C THR A 280 -8.85 -11.58 9.21
N LEU A 281 -9.74 -11.45 10.21
CA LEU A 281 -10.94 -10.64 10.02
C LEU A 281 -10.58 -9.18 9.76
N PHE A 282 -9.60 -8.64 10.48
CA PHE A 282 -9.21 -7.25 10.32
C PHE A 282 -8.51 -7.03 8.97
N MET A 283 -7.56 -7.92 8.62
CA MET A 283 -6.85 -7.76 7.35
C MET A 283 -7.83 -7.89 6.17
N HIS A 284 -8.75 -8.85 6.26
CA HIS A 284 -9.82 -8.98 5.26
C HIS A 284 -10.59 -7.67 5.10
N ALA A 285 -10.99 -7.07 6.22
CA ALA A 285 -11.73 -5.80 6.16
C ALA A 285 -10.92 -4.70 5.49
N ARG A 286 -9.63 -4.56 5.85
CA ARG A 286 -8.85 -3.46 5.25
C ARG A 286 -8.55 -3.74 3.79
N TRP A 287 -8.42 -5.01 3.43
CA TRP A 287 -8.16 -5.36 2.03
C TRP A 287 -9.32 -4.87 1.15
N ILE A 288 -10.55 -5.12 1.61
CA ILE A 288 -11.75 -4.67 0.91
C ILE A 288 -11.87 -3.14 0.96
N ALA A 289 -11.60 -2.56 2.14
CA ALA A 289 -11.75 -1.11 2.29
C ALA A 289 -10.79 -0.34 1.40
N ALA A 290 -9.71 -0.98 0.95
CA ALA A 290 -8.78 -0.37 0.00
C ALA A 290 -9.21 -0.60 -1.45
N GLY A 291 -10.35 -1.24 -1.68
CA GLY A 291 -10.85 -1.45 -3.02
C GLY A 291 -10.39 -2.72 -3.70
N ASN A 292 -9.78 -3.65 -2.97
CA ASN A 292 -9.30 -4.90 -3.53
C ASN A 292 -10.33 -6.00 -3.32
N GLU A 293 -10.27 -7.02 -4.19
CA GLU A 293 -11.12 -8.19 -4.03
C GLU A 293 -10.59 -9.08 -2.92
N ALA A 294 -11.50 -9.67 -2.16
CA ALA A 294 -11.10 -10.59 -1.11
C ALA A 294 -12.21 -11.61 -0.86
N GLU A 295 -11.80 -12.84 -0.62
CA GLU A 295 -12.67 -13.94 -0.27
C GLU A 295 -12.33 -14.39 1.14
N LEU A 296 -13.34 -14.81 1.91
CA LEU A 296 -13.13 -15.21 3.29
C LEU A 296 -13.70 -16.60 3.51
N GLY A 297 -12.91 -17.46 4.13
CA GLY A 297 -13.37 -18.77 4.54
C GLY A 297 -13.16 -18.97 6.03
N VAL A 298 -14.25 -19.09 6.78
CA VAL A 298 -14.21 -19.26 8.24
C VAL A 298 -14.68 -20.67 8.56
N PHE A 299 -13.89 -21.38 9.36
CA PHE A 299 -14.15 -22.80 9.58
C PHE A 299 -14.43 -23.08 11.05
N PRO A 300 -15.64 -23.52 11.39
CA PRO A 300 -16.04 -23.63 12.80
C PRO A 300 -15.18 -24.62 13.57
N GLY A 301 -14.61 -24.14 14.68
CA GLY A 301 -13.79 -24.95 15.55
C GLY A 301 -12.34 -25.10 15.12
N GLY A 302 -11.98 -24.62 13.93
CA GLY A 302 -10.62 -24.79 13.45
C GLY A 302 -9.56 -24.21 14.36
N ALA A 303 -8.54 -25.01 14.66
CA ALA A 303 -7.39 -24.49 15.38
C ALA A 303 -6.49 -23.68 14.44
N HIS A 304 -5.54 -22.97 15.03
CA HIS A 304 -4.40 -22.52 14.24
C HIS A 304 -3.75 -23.75 13.61
N GLY A 305 -3.42 -23.67 12.32
CA GLY A 305 -2.79 -24.79 11.65
C GLY A 305 -3.73 -25.88 11.19
N PHE A 306 -5.04 -25.67 11.26
CA PHE A 306 -6.00 -26.76 11.07
C PHE A 306 -5.92 -27.42 9.70
N VAL A 307 -5.42 -26.72 8.68
CA VAL A 307 -5.44 -27.27 7.32
C VAL A 307 -4.51 -28.46 7.16
N ALA A 308 -3.61 -28.66 8.13
CA ALA A 308 -2.65 -29.76 8.07
C ALA A 308 -3.16 -31.04 8.76
N PHE A 309 -4.33 -31.00 9.37
CA PHE A 309 -4.87 -32.11 10.13
C PHE A 309 -5.84 -32.92 9.27
N PRO A 310 -6.20 -34.12 9.70
CA PRO A 310 -7.27 -34.85 9.01
C PRO A 310 -8.61 -34.18 9.27
N GLY A 311 -9.64 -34.66 8.59
CA GLY A 311 -11.00 -34.24 8.87
C GLY A 311 -11.58 -33.30 7.81
N GLU A 312 -12.87 -33.02 8.02
CA GLU A 312 -13.68 -32.35 7.00
C GLU A 312 -13.34 -30.86 6.84
N ILE A 313 -13.13 -30.13 7.93
CA ILE A 313 -12.87 -28.70 7.75
C ILE A 313 -11.53 -28.47 7.06
N ALA A 314 -10.53 -29.31 7.33
CA ALA A 314 -9.26 -29.18 6.62
C ALA A 314 -9.45 -29.45 5.13
N ARG A 315 -10.20 -30.50 4.79
CA ARG A 315 -10.44 -30.82 3.39
C ARG A 315 -11.16 -29.67 2.69
N ALA A 316 -12.17 -29.10 3.32
CA ALA A 316 -12.93 -28.04 2.68
C ALA A 316 -12.09 -26.78 2.50
N ALA A 317 -11.30 -26.42 3.50
CA ALA A 317 -10.44 -25.24 3.40
C ALA A 317 -9.40 -25.41 2.30
N ASN A 318 -8.79 -26.59 2.21
CA ASN A 318 -7.81 -26.80 1.14
C ASN A 318 -8.48 -26.79 -0.23
N ALA A 319 -9.70 -27.31 -0.34
CA ALA A 319 -10.43 -27.26 -1.60
C ALA A 319 -10.75 -25.81 -1.98
N GLN A 320 -11.09 -24.98 -1.00
CA GLN A 320 -11.37 -23.58 -1.30
C GLN A 320 -10.11 -22.88 -1.82
N ALA A 321 -8.95 -23.21 -1.24
CA ALA A 321 -7.69 -22.64 -1.71
C ALA A 321 -7.40 -23.05 -3.15
N ASP A 322 -7.57 -24.34 -3.46
CA ASP A 322 -7.35 -24.82 -4.82
C ASP A 322 -8.25 -24.09 -5.81
N ALA A 323 -9.54 -23.93 -5.48
CA ALA A 323 -10.47 -23.26 -6.38
C ALA A 323 -10.10 -21.80 -6.59
N PHE A 324 -9.67 -21.12 -5.52
CA PHE A 324 -9.23 -19.74 -5.63
C PHE A 324 -8.02 -19.61 -6.55
N LEU A 325 -7.04 -20.50 -6.39
CA LEU A 325 -5.83 -20.42 -7.22
C LEU A 325 -6.15 -20.69 -8.68
N ARG A 326 -7.09 -21.61 -8.95
CA ARG A 326 -7.54 -21.80 -10.32
C ARG A 326 -8.18 -20.52 -10.85
N ARG A 327 -9.06 -19.91 -10.06
CA ARG A 327 -9.82 -18.76 -10.55
C ARG A 327 -8.90 -17.60 -10.93
N VAL A 328 -7.94 -17.25 -10.06
CA VAL A 328 -7.10 -16.09 -10.32
C VAL A 328 -6.06 -16.34 -11.41
N THR A 329 -5.83 -17.61 -11.79
CA THR A 329 -4.90 -17.94 -12.87
C THR A 329 -5.63 -18.27 -14.17
N GLY A 330 -6.87 -17.85 -14.31
CA GLY A 330 -7.58 -17.99 -15.58
C GLY A 330 -8.17 -19.34 -15.81
N GLN A 331 -8.48 -20.08 -14.74
CA GLN A 331 -9.04 -21.41 -14.86
C GLN A 331 -10.39 -21.50 -14.16
N THR B 14 -24.05 -7.90 -0.45
CA THR B 14 -23.15 -7.86 0.70
C THR B 14 -22.61 -6.45 0.94
N PRO B 15 -22.74 -5.97 2.18
CA PRO B 15 -22.25 -4.62 2.50
C PRO B 15 -20.73 -4.48 2.41
N LEU B 16 -19.98 -5.57 2.55
CA LEU B 16 -18.52 -5.51 2.45
C LEU B 16 -18.08 -5.83 1.02
N ASP B 17 -18.46 -4.91 0.12
CA ASP B 17 -18.18 -4.99 -1.30
C ASP B 17 -17.11 -3.97 -1.63
N PRO B 18 -15.96 -4.39 -2.18
CA PRO B 18 -14.89 -3.42 -2.43
C PRO B 18 -15.30 -2.30 -3.39
N ALA B 19 -16.27 -2.56 -4.26
CA ALA B 19 -16.70 -1.54 -5.20
C ALA B 19 -17.21 -0.29 -4.48
N LEU B 20 -17.79 -0.47 -3.29
CA LEU B 20 -18.30 0.68 -2.55
C LEU B 20 -17.18 1.62 -2.10
N PHE B 21 -15.94 1.13 -2.06
CA PHE B 21 -14.81 1.89 -1.57
C PHE B 21 -13.99 2.54 -2.68
N ARG B 22 -14.38 2.32 -3.94
CA ARG B 22 -13.63 2.89 -5.06
C ARG B 22 -14.23 4.24 -5.46
N PRO B 23 -13.42 5.11 -6.07
CA PRO B 23 -13.90 6.48 -6.35
C PRO B 23 -15.16 6.55 -7.19
N ASP B 24 -15.37 5.63 -8.13
CA ASP B 24 -16.51 5.78 -9.03
C ASP B 24 -17.85 5.48 -8.36
N ALA B 25 -17.84 4.94 -7.14
CA ALA B 25 -19.09 4.71 -6.41
C ALA B 25 -19.63 5.98 -5.76
N ILE B 26 -18.80 7.02 -5.62
CA ILE B 26 -19.24 8.25 -4.98
C ILE B 26 -20.03 9.08 -5.97
N SER B 27 -21.22 9.53 -5.57
CA SER B 27 -22.06 10.33 -6.46
C SER B 27 -21.58 11.77 -6.49
N ASP B 28 -21.94 12.47 -7.57
CA ASP B 28 -21.64 13.90 -7.67
C ASP B 28 -22.22 14.66 -6.48
N GLU B 29 -23.44 14.31 -6.06
CA GLU B 29 -24.04 14.98 -4.91
C GLU B 29 -23.15 14.84 -3.68
N THR B 30 -22.69 13.62 -3.39
CA THR B 30 -21.86 13.42 -2.21
C THR B 30 -20.54 14.16 -2.33
N ARG B 31 -19.92 14.17 -3.52
CA ARG B 31 -18.67 14.92 -3.68
C ARG B 31 -18.88 16.40 -3.41
N GLY B 32 -19.99 16.97 -3.90
CA GLY B 32 -20.25 18.37 -3.67
C GLY B 32 -20.52 18.68 -2.21
N ILE B 33 -21.22 17.77 -1.53
CA ILE B 33 -21.43 17.93 -0.10
C ILE B 33 -20.09 17.96 0.65
N ASN B 34 -19.20 17.02 0.33
CA ASN B 34 -17.92 16.95 1.04
C ASN B 34 -17.07 18.20 0.80
N ASP B 35 -17.09 18.73 -0.42
CA ASP B 35 -16.35 19.96 -0.70
C ASP B 35 -16.83 21.10 0.20
N PHE B 36 -18.14 21.29 0.30
N PHE B 36 -18.14 21.29 0.30
CA PHE B 36 -18.68 22.33 1.17
CA PHE B 36 -18.68 22.33 1.17
C PHE B 36 -18.32 22.07 2.62
C PHE B 36 -18.33 22.07 2.63
N ILE B 37 -18.39 20.81 3.05
CA ILE B 37 -18.09 20.47 4.44
C ILE B 37 -16.68 20.88 4.80
N ILE B 38 -15.71 20.58 3.93
CA ILE B 38 -14.33 20.93 4.22
C ILE B 38 -14.19 22.44 4.42
N LYS B 39 -14.79 23.22 3.53
CA LYS B 39 -14.72 24.68 3.66
C LYS B 39 -15.43 25.16 4.91
N ALA B 40 -16.55 24.53 5.28
CA ALA B 40 -17.24 24.95 6.49
C ALA B 40 -16.40 24.71 7.73
N PHE B 41 -15.75 23.55 7.84
CA PHE B 41 -14.93 23.28 9.01
C PHE B 41 -13.66 24.10 9.01
N GLU B 42 -13.09 24.39 7.83
CA GLU B 42 -11.91 25.23 7.76
C GLU B 42 -12.15 26.63 8.35
N ALA B 43 -13.41 27.05 8.46
CA ALA B 43 -13.70 28.37 9.00
C ALA B 43 -13.79 28.40 10.53
N VAL B 44 -13.56 27.28 11.20
CA VAL B 44 -13.75 27.16 12.64
C VAL B 44 -12.38 27.10 13.31
N PRO B 45 -12.09 27.94 14.31
CA PRO B 45 -10.82 27.82 15.03
C PRO B 45 -10.75 26.54 15.84
N GLU B 46 -9.52 26.12 16.15
CA GLU B 46 -9.32 24.88 16.90
C GLU B 46 -9.69 25.07 18.36
N TRP B 47 -10.36 24.07 18.93
CA TRP B 47 -10.77 24.21 20.33
C TRP B 47 -9.57 24.28 21.28
N TRP B 48 -8.44 23.68 20.90
CA TRP B 48 -7.23 23.77 21.72
C TRP B 48 -6.48 25.07 21.51
N GLU B 49 -6.99 25.97 20.68
CA GLU B 49 -6.41 27.27 20.48
C GLU B 49 -7.31 28.43 20.89
N ILE B 50 -8.61 28.19 21.13
CA ILE B 50 -9.51 29.25 21.59
C ILE B 50 -10.34 28.79 22.79
N GLY B 51 -10.26 27.52 23.13
CA GLY B 51 -10.93 27.01 24.32
C GLY B 51 -12.08 26.08 23.97
N ALA B 52 -12.19 24.96 24.71
CA ALA B 52 -13.31 24.06 24.50
C ALA B 52 -14.65 24.75 24.76
N ALA B 53 -14.74 25.55 25.83
CA ALA B 53 -16.00 26.25 26.11
C ALA B 53 -16.39 27.14 24.94
N THR B 54 -15.42 27.81 24.33
CA THR B 54 -15.70 28.73 23.23
C THR B 54 -16.28 27.99 22.02
N VAL B 55 -15.70 26.83 21.69
CA VAL B 55 -16.19 26.06 20.55
C VAL B 55 -17.53 25.41 20.88
N ARG B 56 -17.73 24.95 22.11
CA ARG B 56 -19.03 24.43 22.51
C ARG B 56 -20.12 25.44 22.21
N GLU B 57 -19.87 26.71 22.55
CA GLU B 57 -20.83 27.77 22.25
C GLU B 57 -21.01 27.94 20.75
N ALA B 58 -19.91 27.96 19.99
CA ALA B 58 -20.01 28.04 18.53
C ALA B 58 -20.84 26.89 17.97
N ARG B 59 -20.52 25.67 18.40
CA ARG B 59 -21.26 24.50 17.93
C ARG B 59 -22.74 24.63 18.26
N ALA B 60 -23.08 25.27 19.38
CA ALA B 60 -24.49 25.40 19.78
C ALA B 60 -25.23 26.44 18.95
N ARG B 61 -24.51 27.30 18.23
CA ARG B 61 -25.11 28.28 17.33
C ARG B 61 -25.02 27.85 15.87
N GLY B 62 -24.64 26.61 15.61
CA GLY B 62 -24.47 26.16 14.24
C GLY B 62 -23.27 26.75 13.54
N GLU B 63 -22.25 27.17 14.29
CA GLU B 63 -21.06 27.79 13.73
C GLU B 63 -19.81 26.95 13.96
N GLY B 64 -19.97 25.65 14.21
CA GLY B 64 -18.84 24.79 14.46
C GLY B 64 -18.73 23.68 13.43
N GLY B 65 -19.09 23.98 12.19
CA GLY B 65 -19.00 23.00 11.12
C GLY B 65 -20.32 22.35 10.76
N PHE B 66 -21.10 21.89 11.82
CA PHE B 66 -22.38 21.24 11.57
C PHE B 66 -23.51 22.26 11.50
N PRO B 67 -24.61 21.93 10.84
CA PRO B 67 -25.74 22.86 10.76
C PRO B 67 -26.50 22.93 12.09
N LEU B 68 -27.23 24.03 12.27
CA LEU B 68 -27.97 24.26 13.50
C LEU B 68 -29.24 23.42 13.50
N PRO B 69 -29.40 22.51 14.46
CA PRO B 69 -30.58 21.63 14.45
C PRO B 69 -31.71 22.21 15.28
N PRO B 70 -32.89 22.41 14.69
CA PRO B 70 -33.99 23.04 15.42
C PRO B 70 -34.49 22.17 16.57
N LYS B 71 -34.83 22.82 17.68
CA LYS B 71 -35.24 22.09 18.87
C LYS B 71 -36.71 21.71 18.80
N SER B 72 -37.04 20.57 19.39
CA SER B 72 -38.42 20.07 19.40
C SER B 72 -39.22 20.70 20.52
N GLU B 73 -40.48 21.04 20.21
CA GLU B 73 -41.38 21.58 21.22
C GLU B 73 -41.77 20.54 22.26
N ARG B 74 -41.74 19.26 21.89
CA ARG B 74 -42.15 18.16 22.75
C ARG B 74 -41.12 17.80 23.81
N ALA B 75 -39.91 18.35 23.74
CA ALA B 75 -38.84 17.89 24.60
C ALA B 75 -39.06 18.33 26.05
N ARG B 76 -38.74 17.42 26.98
N ARG B 76 -38.75 17.42 26.97
CA ARG B 76 -38.75 17.73 28.40
CA ARG B 76 -38.73 17.72 28.40
C ARG B 76 -37.46 17.19 29.03
C ARG B 76 -37.41 17.23 28.98
N THR B 77 -37.00 17.87 30.07
CA THR B 77 -35.73 17.56 30.71
C THR B 77 -35.95 17.15 32.15
N ILE B 78 -35.30 16.07 32.56
CA ILE B 78 -35.23 15.66 33.96
C ILE B 78 -33.76 15.56 34.35
N GLU B 79 -33.53 15.35 35.64
CA GLU B 79 -32.19 15.16 36.16
C GLU B 79 -32.19 13.95 37.09
N ILE B 80 -31.16 13.11 36.96
CA ILE B 80 -30.99 11.94 37.82
C ILE B 80 -29.68 12.09 38.59
N GLU B 81 -29.57 11.30 39.67
CA GLU B 81 -28.40 11.34 40.53
C GLU B 81 -27.23 10.65 39.85
N GLY B 82 -26.10 11.34 39.79
CA GLY B 82 -24.88 10.78 39.25
C GLY B 82 -23.93 10.33 40.35
N LYS B 83 -22.94 9.53 39.94
CA LYS B 83 -21.93 9.04 40.87
C LYS B 83 -21.15 10.20 41.45
N GLY B 84 -21.29 10.43 42.75
CA GLY B 84 -20.62 11.55 43.40
C GLY B 84 -21.52 12.71 43.75
N GLY B 85 -22.79 12.67 43.38
CA GLY B 85 -23.75 13.65 43.84
C GLY B 85 -24.16 14.70 42.82
N HIS B 86 -23.43 14.83 41.72
CA HIS B 86 -23.86 15.75 40.67
C HIS B 86 -25.15 15.24 40.03
N LYS B 87 -25.78 16.10 39.24
CA LYS B 87 -27.00 15.76 38.53
C LYS B 87 -26.70 15.55 37.06
N VAL B 88 -27.24 14.48 36.48
CA VAL B 88 -27.07 14.16 35.07
C VAL B 88 -28.38 14.47 34.36
N PRO B 89 -28.45 15.49 33.52
CA PRO B 89 -29.68 15.76 32.78
C PRO B 89 -29.94 14.71 31.71
N LEU B 90 -31.24 14.42 31.51
CA LEU B 90 -31.71 13.56 30.44
C LEU B 90 -32.78 14.32 29.66
N ARG B 91 -32.66 14.34 28.34
CA ARG B 91 -33.64 14.99 27.48
C ARG B 91 -34.55 13.93 26.87
N ILE B 92 -35.86 14.13 27.03
CA ILE B 92 -36.87 13.12 26.70
C ILE B 92 -37.79 13.65 25.61
N ILE B 93 -37.91 12.90 24.52
CA ILE B 93 -38.89 13.14 23.46
C ILE B 93 -39.63 11.83 23.24
N ALA B 94 -40.92 11.79 23.57
CA ALA B 94 -41.61 10.52 23.63
C ALA B 94 -42.99 10.60 22.99
N PRO B 95 -43.37 9.58 22.22
CA PRO B 95 -44.75 9.46 21.74
C PRO B 95 -45.67 9.10 22.88
N GLU B 96 -46.98 9.15 22.60
CA GLU B 96 -47.98 8.96 23.64
C GLU B 96 -47.95 7.54 24.21
N SER B 97 -47.78 6.52 23.35
CA SER B 97 -47.78 5.12 23.76
C SER B 97 -46.55 4.43 23.21
N PRO B 98 -45.40 4.59 23.86
CA PRO B 98 -44.13 4.13 23.26
C PRO B 98 -44.07 2.61 23.08
N LYS B 99 -43.45 2.20 21.97
CA LYS B 99 -43.14 0.80 21.69
C LYS B 99 -41.85 0.35 22.35
N GLY B 100 -41.16 1.26 23.01
CA GLY B 100 -39.86 0.99 23.59
C GLY B 100 -39.16 2.32 23.85
N VAL B 101 -37.91 2.21 24.26
CA VAL B 101 -37.07 3.36 24.59
C VAL B 101 -35.78 3.29 23.79
N TYR B 102 -35.31 4.45 23.33
CA TYR B 102 -34.01 4.59 22.68
C TYR B 102 -33.13 5.46 23.58
N LEU B 103 -32.16 4.85 24.26
CA LEU B 103 -31.18 5.60 25.04
C LEU B 103 -30.10 6.10 24.11
N HIS B 104 -30.05 7.42 23.90
CA HIS B 104 -29.17 8.04 22.92
C HIS B 104 -28.02 8.77 23.59
N ILE B 105 -26.81 8.63 23.02
CA ILE B 105 -25.62 9.26 23.57
C ILE B 105 -24.94 10.05 22.45
N HIS B 106 -24.84 11.38 22.63
CA HIS B 106 -24.33 12.24 21.58
C HIS B 106 -22.81 12.11 21.42
N GLY B 107 -22.33 12.50 20.24
CA GLY B 107 -20.92 12.53 19.94
C GLY B 107 -20.29 13.88 20.17
N GLY B 108 -19.04 14.00 19.75
CA GLY B 108 -18.27 15.23 19.97
C GLY B 108 -16.91 15.01 20.58
N GLY B 109 -16.32 13.84 20.36
CA GLY B 109 -14.96 13.58 20.82
C GLY B 109 -14.77 13.62 22.32
N TRP B 110 -15.82 13.34 23.09
CA TRP B 110 -15.83 13.36 24.55
C TRP B 110 -15.63 14.77 25.11
N VAL B 111 -15.53 15.80 24.25
CA VAL B 111 -15.17 17.16 24.63
C VAL B 111 -16.29 18.13 24.28
N LEU B 112 -17.03 17.86 23.20
CA LEU B 112 -18.03 18.76 22.64
C LEU B 112 -19.40 18.09 22.58
N GLY B 113 -20.42 18.87 22.18
CA GLY B 113 -21.76 18.35 21.99
C GLY B 113 -22.65 18.49 23.21
N ALA B 114 -23.91 18.09 23.05
CA ALA B 114 -24.90 18.26 24.10
C ALA B 114 -26.13 17.41 23.81
N CYS B 115 -26.93 17.18 24.86
CA CYS B 115 -28.11 16.33 24.71
C CYS B 115 -29.19 16.96 23.84
N ASP B 116 -29.12 18.27 23.60
CA ASP B 116 -30.17 19.00 22.90
C ASP B 116 -29.77 19.48 21.50
N GLN B 117 -28.72 18.90 20.91
CA GLN B 117 -28.22 19.36 19.61
C GLN B 117 -28.58 18.40 18.46
N GLN B 118 -29.51 17.47 18.68
CA GLN B 118 -29.91 16.55 17.62
C GLN B 118 -31.38 16.18 17.75
N ASP B 119 -32.22 17.16 18.10
CA ASP B 119 -33.65 16.89 18.25
C ASP B 119 -34.29 16.34 16.99
N PRO B 120 -33.93 16.81 15.79
CA PRO B 120 -34.53 16.22 14.57
C PRO B 120 -34.33 14.72 14.48
N MET B 121 -33.15 14.22 14.86
CA MET B 121 -32.92 12.78 14.84
C MET B 121 -33.78 12.07 15.88
N LEU B 122 -33.89 12.66 17.08
CA LEU B 122 -34.76 12.05 18.09
C LEU B 122 -36.21 12.02 17.63
N GLU B 123 -36.67 13.12 17.00
CA GLU B 123 -38.03 13.16 16.49
C GLU B 123 -38.24 12.11 15.40
N ARG B 124 -37.24 11.90 14.55
CA ARG B 124 -37.35 10.90 13.49
C ARG B 124 -37.57 9.51 14.07
N ILE B 125 -36.82 9.16 15.11
CA ILE B 125 -36.94 7.83 15.71
C ILE B 125 -38.24 7.71 16.48
N ALA B 126 -38.62 8.75 17.22
CA ALA B 126 -39.90 8.72 17.92
C ALA B 126 -41.05 8.50 16.94
N GLN B 127 -41.02 9.20 15.80
CA GLN B 127 -42.12 9.12 14.84
C GLN B 127 -42.07 7.84 14.03
N ASN B 128 -40.88 7.46 13.54
CA ASN B 128 -40.78 6.34 12.61
C ASN B 128 -40.62 4.98 13.28
N ALA B 129 -40.09 4.93 14.50
CA ALA B 129 -39.99 3.68 15.24
C ALA B 129 -40.87 3.64 16.48
N GLY B 130 -41.53 4.74 16.82
CA GLY B 130 -42.43 4.76 17.95
C GLY B 130 -41.78 4.68 19.30
N LEU B 131 -40.50 5.01 19.39
CA LEU B 131 -39.76 4.88 20.64
C LEU B 131 -39.70 6.19 21.40
N ALA B 132 -39.78 6.11 22.72
CA ALA B 132 -39.42 7.26 23.57
C ALA B 132 -37.90 7.42 23.53
N CYS B 133 -37.44 8.62 23.22
CA CYS B 133 -36.01 8.89 23.13
C CYS B 133 -35.53 9.61 24.40
N VAL B 134 -34.40 9.15 24.92
CA VAL B 134 -33.78 9.70 26.13
C VAL B 134 -32.33 9.96 25.79
N SER B 135 -31.93 11.23 25.74
CA SER B 135 -30.57 11.60 25.34
C SER B 135 -29.79 12.13 26.54
N VAL B 136 -28.58 11.60 26.74
CA VAL B 136 -27.84 11.76 27.99
C VAL B 136 -26.94 12.99 27.90
N GLU B 137 -27.04 13.87 28.90
CA GLU B 137 -26.13 15.02 29.01
C GLU B 137 -24.97 14.62 29.92
N TYR B 138 -23.98 13.96 29.33
CA TYR B 138 -22.86 13.47 30.13
C TYR B 138 -21.76 14.54 30.26
N ARG B 139 -20.98 14.41 31.33
CA ARG B 139 -19.90 15.36 31.58
C ARG B 139 -18.81 15.25 30.53
N LEU B 140 -18.16 16.38 30.24
CA LEU B 140 -17.25 16.49 29.12
C LEU B 140 -15.81 16.78 29.55
N ALA B 141 -14.88 16.21 28.80
CA ALA B 141 -13.46 16.53 28.92
C ALA B 141 -13.19 17.86 28.21
N PRO B 142 -12.03 18.49 28.48
CA PRO B 142 -10.97 18.06 29.39
C PRO B 142 -11.28 18.29 30.88
N GLU B 143 -12.36 19.01 31.20
CA GLU B 143 -12.63 19.31 32.61
C GLU B 143 -13.00 18.06 33.39
N HIS B 144 -13.74 17.14 32.77
CA HIS B 144 -14.14 15.88 33.40
C HIS B 144 -13.67 14.76 32.48
N PRO B 145 -12.43 14.32 32.61
CA PRO B 145 -11.93 13.24 31.76
C PRO B 145 -12.45 11.88 32.23
N TYR B 146 -12.06 10.84 31.49
CA TYR B 146 -12.43 9.47 31.85
C TYR B 146 -12.17 9.24 33.34
N PRO B 147 -13.08 8.56 34.05
CA PRO B 147 -14.28 7.88 33.56
C PRO B 147 -15.58 8.67 33.74
N ALA B 148 -15.55 10.00 33.75
CA ALA B 148 -16.75 10.77 34.06
C ALA B 148 -17.86 10.53 33.04
N GLY B 149 -17.54 10.61 31.76
CA GLY B 149 -18.52 10.41 30.71
C GLY B 149 -19.17 9.05 30.78
N PRO B 150 -18.37 7.98 30.79
CA PRO B 150 -18.93 6.64 30.96
C PRO B 150 -19.73 6.47 32.23
N ASP B 151 -19.27 7.07 33.34
CA ASP B 151 -20.01 6.96 34.60
C ASP B 151 -21.42 7.53 34.47
N ASP B 152 -21.56 8.63 33.73
CA ASP B 152 -22.87 9.25 33.56
C ASP B 152 -23.77 8.43 32.65
N CYS B 153 -23.19 7.84 31.60
CA CYS B 153 -23.98 6.99 30.71
C CYS B 153 -24.43 5.71 31.43
N GLU B 154 -23.57 5.14 32.27
CA GLU B 154 -23.97 3.99 33.07
C GLU B 154 -25.10 4.33 34.02
N ALA B 155 -25.00 5.47 34.71
CA ALA B 155 -26.08 5.89 35.61
C ALA B 155 -27.39 6.04 34.85
N ALA B 156 -27.33 6.60 33.64
CA ALA B 156 -28.53 6.75 32.83
C ALA B 156 -29.14 5.40 32.47
N ALA B 157 -28.29 4.45 32.10
CA ALA B 157 -28.81 3.13 31.74
C ALA B 157 -29.42 2.41 32.94
N LEU B 158 -28.77 2.47 34.11
CA LEU B 158 -29.35 1.85 35.30
C LEU B 158 -30.69 2.48 35.64
N TRP B 159 -30.77 3.80 35.59
CA TRP B 159 -32.03 4.49 35.86
C TRP B 159 -33.11 4.05 34.89
N LEU B 160 -32.74 3.86 33.61
CA LEU B 160 -33.72 3.48 32.61
C LEU B 160 -34.24 2.07 32.84
N VAL B 161 -33.35 1.12 33.15
CA VAL B 161 -33.82 -0.23 33.45
C VAL B 161 -34.80 -0.22 34.62
N LYS B 162 -34.47 0.53 35.67
CA LYS B 162 -35.29 0.55 36.88
C LYS B 162 -36.62 1.26 36.66
N ASN B 163 -36.64 2.30 35.82
CA ASN B 163 -37.77 3.21 35.78
C ASN B 163 -38.53 3.24 34.46
N ALA B 164 -38.10 2.45 33.47
CA ALA B 164 -38.72 2.52 32.15
C ALA B 164 -40.22 2.19 32.20
N LYS B 165 -40.61 1.18 32.97
N LYS B 165 -40.60 1.17 32.97
CA LYS B 165 -42.02 0.79 33.00
CA LYS B 165 -42.01 0.80 33.00
C LYS B 165 -42.87 1.91 33.57
C LYS B 165 -42.87 1.92 33.55
N LYS B 166 -42.41 2.55 34.64
CA LYS B 166 -43.18 3.63 35.25
C LYS B 166 -43.22 4.86 34.34
N GLU B 167 -42.09 5.22 33.73
CA GLU B 167 -42.01 6.46 32.96
C GLU B 167 -42.64 6.33 31.59
N PHE B 168 -42.48 5.16 30.94
CA PHE B 168 -42.82 5.00 29.54
C PHE B 168 -43.78 3.85 29.26
N GLY B 169 -44.14 3.05 30.27
CA GLY B 169 -45.06 1.96 30.08
C GLY B 169 -44.50 0.75 29.38
N THR B 170 -43.18 0.67 29.23
CA THR B 170 -42.54 -0.43 28.53
C THR B 170 -41.16 -0.64 29.11
N GLU B 171 -40.68 -1.89 29.05
CA GLU B 171 -39.32 -2.26 29.43
C GLU B 171 -38.48 -2.69 28.23
N VAL B 172 -38.95 -2.36 27.02
CA VAL B 172 -38.24 -2.68 25.78
C VAL B 172 -37.25 -1.55 25.51
N LEU B 173 -35.95 -1.84 25.57
CA LEU B 173 -34.93 -0.81 25.53
C LEU B 173 -33.94 -1.06 24.39
N THR B 174 -33.47 0.04 23.80
CA THR B 174 -32.39 0.06 22.82
C THR B 174 -31.41 1.16 23.20
N ILE B 175 -30.24 1.15 22.57
CA ILE B 175 -29.19 2.13 22.86
C ILE B 175 -28.50 2.50 21.54
N GLY B 176 -27.96 3.72 21.49
CA GLY B 176 -27.22 4.12 20.28
C GLY B 176 -26.59 5.49 20.42
N GLY B 177 -25.70 5.78 19.47
CA GLY B 177 -25.06 7.08 19.45
C GLY B 177 -24.08 7.16 18.31
N GLU B 178 -23.57 8.38 18.09
CA GLU B 178 -22.67 8.70 16.99
C GLU B 178 -21.27 9.00 17.52
N SER B 179 -20.26 8.46 16.83
N SER B 179 -20.26 8.41 16.86
CA SER B 179 -18.86 8.87 17.06
CA SER B 179 -18.84 8.72 17.09
C SER B 179 -18.47 8.50 18.49
C SER B 179 -18.47 8.46 18.54
N ALA B 180 -18.04 9.46 19.32
CA ALA B 180 -17.81 9.20 20.73
C ALA B 180 -19.06 8.65 21.43
N GLY B 181 -20.25 8.99 20.92
CA GLY B 181 -21.48 8.41 21.45
C GLY B 181 -21.64 6.94 21.12
N GLY B 182 -21.09 6.50 19.99
CA GLY B 182 -21.08 5.07 19.70
C GLY B 182 -20.11 4.34 20.62
N HIS B 183 -18.94 4.95 20.85
CA HIS B 183 -17.99 4.46 21.85
C HIS B 183 -18.68 4.28 23.19
N LEU B 184 -19.35 5.34 23.68
CA LEU B 184 -19.97 5.28 24.99
C LEU B 184 -21.12 4.29 25.06
N SER B 185 -21.85 4.10 23.94
CA SER B 185 -22.90 3.09 23.92
C SER B 185 -22.31 1.70 24.16
N ALA B 186 -21.20 1.37 23.48
CA ALA B 186 -20.56 0.08 23.67
C ALA B 186 -20.01 -0.07 25.09
N VAL B 187 -19.35 0.97 25.61
CA VAL B 187 -18.85 0.93 26.99
C VAL B 187 -20.00 0.65 27.95
N THR B 188 -21.14 1.32 27.74
CA THR B 188 -22.29 1.17 28.64
C THR B 188 -22.87 -0.24 28.57
N LEU B 189 -23.03 -0.79 27.37
CA LEU B 189 -23.54 -2.16 27.24
C LEU B 189 -22.67 -3.15 28.00
N LEU B 190 -21.35 -2.98 27.92
CA LEU B 190 -20.44 -3.91 28.60
C LEU B 190 -20.49 -3.74 30.11
N ARG B 191 -20.54 -2.49 30.60
CA ARG B 191 -20.68 -2.27 32.03
C ARG B 191 -21.99 -2.84 32.57
N MET B 192 -23.09 -2.63 31.84
CA MET B 192 -24.38 -3.14 32.28
C MET B 192 -24.36 -4.67 32.41
N ARG B 193 -23.72 -5.35 31.44
CA ARG B 193 -23.57 -6.80 31.54
C ARG B 193 -22.66 -7.19 32.70
N ASP B 194 -21.47 -6.58 32.78
CA ASP B 194 -20.43 -7.06 33.69
C ASP B 194 -20.76 -6.74 35.14
N ARG B 195 -21.12 -5.49 35.42
CA ARG B 195 -21.35 -5.07 36.80
C ARG B 195 -22.75 -5.38 37.29
N HIS B 196 -23.74 -5.27 36.41
CA HIS B 196 -25.14 -5.22 36.80
C HIS B 196 -25.95 -6.42 36.31
N GLY B 197 -25.33 -7.36 35.59
CA GLY B 197 -26.03 -8.54 35.14
C GLY B 197 -27.09 -8.30 34.09
N TYR B 198 -27.14 -7.11 33.49
CA TYR B 198 -28.21 -6.77 32.57
C TYR B 198 -27.79 -7.08 31.14
N LYS B 199 -28.56 -7.95 30.49
CA LYS B 199 -28.34 -8.37 29.11
C LYS B 199 -29.61 -8.20 28.30
N GLY B 200 -30.42 -7.21 28.67
CA GLY B 200 -31.75 -7.05 28.12
C GLY B 200 -31.95 -6.08 26.97
N PHE B 201 -30.92 -5.32 26.58
CA PHE B 201 -31.11 -4.40 25.46
C PHE B 201 -31.48 -5.19 24.21
N LYS B 202 -32.40 -4.64 23.42
CA LYS B 202 -32.85 -5.31 22.20
C LYS B 202 -31.97 -5.00 21.00
N GLY B 203 -31.24 -3.89 21.01
CA GLY B 203 -30.43 -3.53 19.88
C GLY B 203 -29.53 -2.35 20.19
N ALA B 204 -28.46 -2.22 19.40
CA ALA B 204 -27.48 -1.16 19.54
C ALA B 204 -27.27 -0.52 18.18
N ASN B 205 -27.53 0.78 18.09
CA ASN B 205 -27.38 1.54 16.85
C ASN B 205 -26.05 2.29 16.94
N LEU B 206 -25.00 1.71 16.35
CA LEU B 206 -23.64 2.20 16.51
C LEU B 206 -23.22 2.94 15.24
N VAL B 207 -23.34 4.26 15.27
CA VAL B 207 -23.18 5.12 14.10
C VAL B 207 -21.74 5.66 14.09
N PHE B 208 -20.93 5.21 13.12
CA PHE B 208 -19.50 5.53 13.01
C PHE B 208 -18.82 5.74 14.37
N GLY B 209 -18.83 4.71 15.21
CA GLY B 209 -18.27 4.83 16.54
C GLY B 209 -16.76 4.72 16.56
N ALA B 210 -16.17 5.25 17.64
CA ALA B 210 -14.77 5.03 17.95
C ALA B 210 -14.68 3.87 18.93
N PHE B 211 -13.89 2.84 18.59
CA PHE B 211 -13.80 1.67 19.45
C PHE B 211 -12.39 1.33 19.87
N ASP B 212 -11.37 1.92 19.26
CA ASP B 212 -9.97 1.65 19.57
C ASP B 212 -9.28 2.97 19.89
N MET B 213 -9.08 3.24 21.18
CA MET B 213 -8.42 4.47 21.61
C MET B 213 -6.91 4.44 21.42
N SER B 214 -6.35 3.30 21.04
CA SER B 214 -4.93 3.26 20.67
C SER B 214 -4.71 3.67 19.22
N MET B 215 -5.80 3.90 18.48
CA MET B 215 -5.80 4.38 17.11
C MET B 215 -5.63 3.25 16.11
N SER B 216 -6.71 2.88 15.43
CA SER B 216 -6.70 1.84 14.41
C SER B 216 -5.95 2.35 13.17
N PRO B 217 -5.64 1.46 12.21
CA PRO B 217 -4.86 1.90 11.06
C PRO B 217 -5.44 3.09 10.29
N SER B 218 -6.74 3.08 10.00
CA SER B 218 -7.31 4.19 9.24
C SER B 218 -7.22 5.52 10.00
N GLN B 219 -7.30 5.48 11.33
CA GLN B 219 -7.21 6.71 12.11
C GLN B 219 -5.84 7.36 11.93
N ARG B 220 -4.80 6.54 11.85
CA ARG B 220 -3.44 7.06 11.84
C ARG B 220 -3.09 7.72 10.51
N VAL B 221 -3.66 7.26 9.40
CA VAL B 221 -3.24 7.70 8.08
C VAL B 221 -4.27 8.60 7.39
N PHE B 222 -5.39 8.93 8.04
CA PHE B 222 -6.38 9.76 7.38
C PHE B 222 -5.81 11.11 6.97
N GLY B 223 -4.99 11.70 7.84
CA GLY B 223 -4.39 13.00 7.53
C GLY B 223 -5.21 14.16 8.04
N ASN B 224 -4.82 15.36 7.62
CA ASN B 224 -5.40 16.55 8.21
C ASN B 224 -6.20 17.42 7.24
N GLU B 225 -6.65 16.87 6.11
CA GLU B 225 -7.68 17.55 5.33
C GLU B 225 -8.97 17.53 6.13
N ARG B 226 -9.57 18.70 6.35
CA ARG B 226 -10.58 18.83 7.41
C ARG B 226 -11.98 18.40 6.94
N LEU B 227 -12.07 17.14 6.52
CA LEU B 227 -13.37 16.54 6.22
C LEU B 227 -13.95 16.02 7.54
N VAL B 228 -14.46 16.97 8.33
CA VAL B 228 -15.08 16.72 9.63
C VAL B 228 -14.09 16.33 10.73
N LEU B 229 -13.38 15.21 10.53
CA LEU B 229 -12.56 14.60 11.59
C LEU B 229 -11.19 14.23 11.02
N ARG B 230 -10.14 14.91 11.48
CA ARG B 230 -8.77 14.69 11.05
C ARG B 230 -8.03 13.79 12.04
N THR B 231 -6.88 13.27 11.60
CA THR B 231 -6.00 12.57 12.53
C THR B 231 -5.66 13.43 13.74
N VAL B 232 -5.38 14.72 13.51
CA VAL B 232 -5.04 15.61 14.63
C VAL B 232 -6.20 15.75 15.61
N ASP B 233 -7.44 15.79 15.10
CA ASP B 233 -8.61 15.86 16.00
C ASP B 233 -8.67 14.64 16.89
N ILE B 234 -8.48 13.45 16.31
CA ILE B 234 -8.51 12.21 17.09
C ILE B 234 -7.45 12.25 18.18
N GLN B 235 -6.25 12.73 17.84
CA GLN B 235 -5.17 12.80 18.84
C GLN B 235 -5.54 13.74 19.98
N LYS B 236 -6.05 14.93 19.65
CA LYS B 236 -6.38 15.92 20.68
C LYS B 236 -7.56 15.47 21.53
N PHE B 237 -8.60 14.89 20.91
CA PHE B 237 -9.73 14.38 21.68
C PHE B 237 -9.27 13.30 22.66
N GLY B 238 -8.44 12.36 22.18
CA GLY B 238 -7.99 11.27 23.03
C GLY B 238 -7.21 11.76 24.24
N ASP B 239 -6.31 12.72 24.04
CA ASP B 239 -5.51 13.23 25.15
C ASP B 239 -6.37 13.97 26.18
N ALA B 240 -7.43 14.64 25.74
CA ALA B 240 -8.30 15.32 26.70
C ALA B 240 -9.10 14.32 27.52
N PHE B 241 -9.55 13.24 26.88
CA PHE B 241 -10.34 12.23 27.56
C PHE B 241 -9.47 11.36 28.47
N LEU B 242 -8.21 11.15 28.09
CA LEU B 242 -7.33 10.18 28.76
C LEU B 242 -6.00 10.85 29.10
N PRO B 243 -5.98 11.72 30.11
CA PRO B 243 -4.79 12.52 30.43
C PRO B 243 -3.90 11.96 31.55
N ASN B 244 -4.22 10.80 32.12
CA ASN B 244 -3.56 10.32 33.33
C ASN B 244 -2.72 9.07 33.11
N GLY B 245 -2.25 8.84 31.89
CA GLY B 245 -1.41 7.68 31.62
C GLY B 245 -2.14 6.37 31.56
N GLU B 246 -3.45 6.40 31.33
CA GLU B 246 -4.25 5.18 31.24
C GLU B 246 -3.78 4.30 30.09
N ASP B 247 -3.94 2.98 30.27
CA ASP B 247 -3.68 2.00 29.22
C ASP B 247 -4.80 2.09 28.20
N ARG B 248 -4.50 2.58 27.00
CA ARG B 248 -5.56 2.82 26.02
C ARG B 248 -6.04 1.55 25.32
N ARG B 249 -5.52 0.39 25.68
CA ARG B 249 -6.10 -0.87 25.23
C ARG B 249 -6.91 -1.56 26.32
N ASP B 250 -7.11 -0.89 27.46
CA ASP B 250 -7.96 -1.46 28.50
C ASP B 250 -9.39 -1.61 27.96
N PRO B 251 -10.07 -2.72 28.25
CA PRO B 251 -11.38 -2.96 27.60
C PRO B 251 -12.48 -1.98 27.99
N ASP B 252 -12.38 -1.30 29.14
CA ASP B 252 -13.37 -0.28 29.47
C ASP B 252 -13.10 1.03 28.76
N ILE B 253 -11.89 1.22 28.25
CA ILE B 253 -11.52 2.39 27.47
C ILE B 253 -11.67 2.16 25.98
N SER B 254 -11.24 0.99 25.51
CA SER B 254 -11.36 0.61 24.09
C SER B 254 -12.22 -0.65 24.00
N PRO B 255 -13.52 -0.51 23.73
CA PRO B 255 -14.38 -1.70 23.68
C PRO B 255 -13.97 -2.71 22.65
N LEU B 256 -13.18 -2.32 21.65
CA LEU B 256 -12.68 -3.29 20.69
C LEU B 256 -11.91 -4.43 21.37
N TYR B 257 -11.33 -4.18 22.55
CA TYR B 257 -10.54 -5.17 23.25
C TYR B 257 -11.33 -5.98 24.28
N ALA B 258 -12.61 -5.70 24.44
CA ALA B 258 -13.40 -6.40 25.45
C ALA B 258 -13.88 -7.75 24.92
N ASN B 259 -14.27 -8.63 25.84
N ASN B 259 -14.28 -8.62 25.83
CA ASN B 259 -14.98 -9.84 25.48
CA ASN B 259 -14.98 -9.85 25.45
C ASN B 259 -16.43 -9.46 25.19
C ASN B 259 -16.44 -9.50 25.21
N LEU B 260 -16.91 -9.77 23.98
CA LEU B 260 -18.20 -9.27 23.52
C LEU B 260 -19.34 -10.29 23.62
N HIS B 261 -19.22 -11.28 24.50
CA HIS B 261 -20.29 -12.27 24.61
C HIS B 261 -21.59 -11.63 25.09
N ASP B 262 -22.72 -12.19 24.64
CA ASP B 262 -24.06 -11.82 25.13
C ASP B 262 -24.40 -10.35 24.87
N MET B 263 -24.01 -9.84 23.70
CA MET B 263 -24.36 -8.49 23.31
C MET B 263 -25.62 -8.51 22.45
N PRO B 264 -26.35 -7.40 22.39
CA PRO B 264 -27.57 -7.35 21.57
C PRO B 264 -27.22 -7.26 20.11
N PRO B 265 -28.19 -7.53 19.22
CA PRO B 265 -28.00 -7.21 17.80
C PRO B 265 -27.58 -5.77 17.62
N ALA B 266 -26.67 -5.53 16.67
CA ALA B 266 -26.14 -4.20 16.42
C ALA B 266 -26.27 -3.82 14.96
N LEU B 267 -26.44 -2.53 14.71
CA LEU B 267 -26.32 -1.95 13.39
C LEU B 267 -25.09 -1.04 13.39
N PHE B 268 -24.14 -1.32 12.51
CA PHE B 268 -22.96 -0.47 12.34
C PHE B 268 -23.10 0.32 11.04
N THR B 269 -22.99 1.65 11.13
CA THR B 269 -23.11 2.55 9.98
C THR B 269 -21.80 3.31 9.81
N VAL B 270 -21.29 3.39 8.58
CA VAL B 270 -20.06 4.14 8.34
C VAL B 270 -19.99 4.57 6.88
N GLY B 271 -19.34 5.73 6.65
CA GLY B 271 -19.02 6.18 5.31
C GLY B 271 -17.59 5.82 4.94
N THR B 272 -17.32 5.73 3.63
CA THR B 272 -16.02 5.23 3.19
C THR B 272 -14.91 6.27 3.27
N ARG B 273 -15.23 7.53 3.57
CA ARG B 273 -14.24 8.59 3.70
C ARG B 273 -14.13 9.09 5.15
N ASP B 274 -14.26 8.15 6.08
CA ASP B 274 -14.22 8.40 7.52
C ASP B 274 -12.90 7.88 8.08
N ALA B 275 -12.21 8.70 8.88
CA ALA B 275 -11.01 8.22 9.58
C ALA B 275 -11.29 6.99 10.43
N LEU B 276 -12.55 6.83 10.88
CA LEU B 276 -12.92 5.72 11.77
C LEU B 276 -13.46 4.50 11.02
N VAL B 277 -13.21 4.38 9.71
N VAL B 277 -13.23 4.40 9.70
CA VAL B 277 -13.76 3.25 8.96
CA VAL B 277 -13.70 3.24 8.93
C VAL B 277 -13.29 1.92 9.56
C VAL B 277 -13.30 1.95 9.61
N ASP B 278 -12.00 1.82 9.93
CA ASP B 278 -11.51 0.56 10.50
C ASP B 278 -12.17 0.25 11.84
N ASP B 279 -12.46 1.28 12.65
CA ASP B 279 -13.15 1.01 13.91
C ASP B 279 -14.49 0.31 13.68
N THR B 280 -15.27 0.78 12.71
CA THR B 280 -16.54 0.12 12.43
C THR B 280 -16.33 -1.28 11.88
N LEU B 281 -15.44 -1.44 10.89
CA LEU B 281 -15.26 -2.77 10.29
C LEU B 281 -14.70 -3.75 11.30
N PHE B 282 -13.78 -3.30 12.15
CA PHE B 282 -13.17 -4.19 13.13
C PHE B 282 -14.17 -4.56 14.22
N MET B 283 -14.90 -3.57 14.75
CA MET B 283 -15.88 -3.87 15.79
C MET B 283 -17.01 -4.77 15.28
N HIS B 284 -17.46 -4.53 14.04
CA HIS B 284 -18.43 -5.41 13.40
C HIS B 284 -17.90 -6.84 13.33
N ALA B 285 -16.65 -7.01 12.91
CA ALA B 285 -16.06 -8.34 12.83
C ALA B 285 -16.04 -9.02 14.20
N ARG B 286 -15.59 -8.31 15.23
CA ARG B 286 -15.55 -8.92 16.57
C ARG B 286 -16.94 -9.19 17.13
N TRP B 287 -17.90 -8.33 16.82
CA TRP B 287 -19.27 -8.52 17.28
C TRP B 287 -19.80 -9.86 16.79
N ILE B 288 -19.57 -10.14 15.50
CA ILE B 288 -20.01 -11.41 14.91
C ILE B 288 -19.18 -12.57 15.45
N ALA B 289 -17.85 -12.37 15.56
CA ALA B 289 -16.99 -13.45 16.03
C ALA B 289 -17.33 -13.87 17.46
N ALA B 290 -17.98 -13.01 18.23
CA ALA B 290 -18.45 -13.36 19.56
C ALA B 290 -19.81 -14.04 19.54
N GLY B 291 -20.34 -14.30 18.35
CA GLY B 291 -21.62 -14.99 18.22
C GLY B 291 -22.85 -14.10 18.25
N ASN B 292 -22.69 -12.80 18.10
CA ASN B 292 -23.81 -11.85 18.14
C ASN B 292 -24.25 -11.48 16.74
N GLU B 293 -25.51 -11.07 16.62
CA GLU B 293 -26.03 -10.59 15.34
C GLU B 293 -25.52 -9.18 15.08
N ALA B 294 -25.17 -8.91 13.82
CA ALA B 294 -24.76 -7.55 13.44
C ALA B 294 -25.13 -7.29 11.98
N GLU B 295 -25.54 -6.05 11.74
CA GLU B 295 -25.87 -5.55 10.42
C GLU B 295 -24.90 -4.42 10.12
N LEU B 296 -24.52 -4.28 8.85
CA LEU B 296 -23.52 -3.31 8.45
C LEU B 296 -24.06 -2.46 7.32
N GLY B 297 -23.93 -1.14 7.46
CA GLY B 297 -24.26 -0.24 6.37
C GLY B 297 -23.06 0.62 5.99
N VAL B 298 -22.58 0.47 4.76
CA VAL B 298 -21.41 1.21 4.28
C VAL B 298 -21.87 2.15 3.18
N PHE B 299 -21.51 3.42 3.28
CA PHE B 299 -22.04 4.42 2.36
C PHE B 299 -20.97 5.11 1.54
N PRO B 300 -20.97 4.94 0.21
CA PRO B 300 -19.83 5.41 -0.61
C PRO B 300 -19.63 6.91 -0.51
N GLY B 301 -18.40 7.30 -0.16
CA GLY B 301 -18.04 8.69 -0.07
C GLY B 301 -18.41 9.36 1.24
N GLY B 302 -19.11 8.67 2.12
CA GLY B 302 -19.55 9.31 3.35
C GLY B 302 -18.43 9.82 4.24
N ALA B 303 -18.55 11.08 4.67
CA ALA B 303 -17.63 11.62 5.65
C ALA B 303 -17.98 11.09 7.05
N HIS B 304 -17.06 11.27 7.99
CA HIS B 304 -17.47 11.17 9.38
C HIS B 304 -18.62 12.15 9.62
N GLY B 305 -19.64 11.70 10.35
CA GLY B 305 -20.77 12.57 10.61
C GLY B 305 -21.71 12.79 9.44
N PHE B 306 -21.62 11.96 8.39
CA PHE B 306 -22.33 12.25 7.15
C PHE B 306 -23.84 12.29 7.34
N VAL B 307 -24.37 11.56 8.33
CA VAL B 307 -25.82 11.50 8.52
C VAL B 307 -26.42 12.85 8.91
N ALA B 308 -25.59 13.82 9.30
CA ALA B 308 -26.07 15.13 9.69
C ALA B 308 -26.27 16.08 8.50
N PHE B 309 -25.88 15.66 7.30
CA PHE B 309 -25.90 16.55 6.15
C PHE B 309 -26.88 16.06 5.10
N PRO B 310 -27.54 16.95 4.38
CA PRO B 310 -28.53 16.53 3.37
C PRO B 310 -27.92 15.57 2.37
N GLY B 311 -28.80 14.96 1.57
CA GLY B 311 -28.37 14.11 0.48
C GLY B 311 -28.86 12.68 0.61
N GLU B 312 -28.67 11.93 -0.48
CA GLU B 312 -29.22 10.60 -0.57
C GLU B 312 -28.61 9.64 0.44
N ILE B 313 -27.29 9.68 0.63
CA ILE B 313 -26.66 8.67 1.49
C ILE B 313 -27.05 8.88 2.95
N ALA B 314 -27.20 10.14 3.37
CA ALA B 314 -27.69 10.41 4.72
C ALA B 314 -29.11 9.89 4.90
N ARG B 315 -30.00 10.19 3.94
CA ARG B 315 -31.37 9.68 4.02
C ARG B 315 -31.38 8.16 4.09
N ALA B 316 -30.55 7.51 3.25
CA ALA B 316 -30.56 6.05 3.21
C ALA B 316 -30.05 5.47 4.51
N ALA B 317 -28.98 6.04 5.08
CA ALA B 317 -28.44 5.54 6.33
C ALA B 317 -29.42 5.74 7.49
N ASN B 318 -30.07 6.91 7.56
CA ASN B 318 -31.05 7.13 8.61
C ASN B 318 -32.24 6.19 8.47
N ALA B 319 -32.65 5.90 7.23
CA ALA B 319 -33.73 4.94 7.01
C ALA B 319 -33.34 3.54 7.47
N GLN B 320 -32.07 3.16 7.27
CA GLN B 320 -31.61 1.85 7.73
C GLN B 320 -31.65 1.76 9.25
N ALA B 321 -31.28 2.84 9.94
CA ALA B 321 -31.37 2.85 11.40
C ALA B 321 -32.82 2.75 11.88
N ASP B 322 -33.73 3.49 11.26
CA ASP B 322 -35.15 3.41 11.65
C ASP B 322 -35.68 2.00 11.49
N ALA B 323 -35.32 1.34 10.38
CA ALA B 323 -35.81 -0.01 10.14
C ALA B 323 -35.22 -1.00 11.14
N PHE B 324 -33.95 -0.82 11.49
CA PHE B 324 -33.32 -1.67 12.50
C PHE B 324 -34.03 -1.54 13.84
N LEU B 325 -34.29 -0.30 14.27
CA LEU B 325 -34.93 -0.09 15.57
C LEU B 325 -36.33 -0.67 15.60
N ARG B 326 -37.08 -0.56 14.49
CA ARG B 326 -38.39 -1.20 14.43
C ARG B 326 -38.25 -2.72 14.54
N ARG B 327 -37.26 -3.29 13.84
CA ARG B 327 -37.11 -4.75 13.82
C ARG B 327 -36.83 -5.30 15.22
N VAL B 328 -35.88 -4.70 15.93
CA VAL B 328 -35.49 -5.23 17.24
C VAL B 328 -36.54 -4.97 18.32
N THR B 329 -37.47 -4.04 18.09
CA THR B 329 -38.56 -3.80 19.03
C THR B 329 -39.83 -4.54 18.64
N GLY B 330 -39.73 -5.55 17.79
CA GLY B 330 -40.84 -6.41 17.46
C GLY B 330 -41.79 -5.91 16.41
N GLN B 331 -41.43 -4.85 15.69
CA GLN B 331 -42.32 -4.23 14.72
C GLN B 331 -41.93 -4.58 13.27
N LEU C 7 23.79 -1.47 -43.27
CA LEU C 7 25.04 -0.72 -43.08
C LEU C 7 25.84 -0.66 -44.38
N ASP C 8 25.75 0.48 -45.06
CA ASP C 8 26.31 0.63 -46.41
C ASP C 8 27.64 1.37 -46.30
N PRO C 9 28.75 0.79 -46.78
CA PRO C 9 30.03 1.49 -46.68
C PRO C 9 30.05 2.81 -47.42
N ALA C 10 29.18 2.98 -48.42
CA ALA C 10 29.13 4.24 -49.15
C ALA C 10 28.82 5.42 -48.22
N LEU C 11 28.02 5.18 -47.17
CA LEU C 11 27.70 6.26 -46.24
C LEU C 11 28.92 6.79 -45.51
N PHE C 12 29.99 6.01 -45.41
CA PHE C 12 31.17 6.38 -44.65
C PHE C 12 32.27 6.97 -45.52
N ARG C 13 32.05 7.08 -46.82
CA ARG C 13 33.04 7.63 -47.72
C ARG C 13 32.84 9.14 -47.90
N PRO C 14 33.91 9.87 -48.25
CA PRO C 14 33.81 11.32 -48.34
C PRO C 14 32.70 11.82 -49.26
N ASP C 15 32.44 11.13 -50.37
CA ASP C 15 31.47 11.60 -51.36
C ASP C 15 30.04 11.65 -50.84
N ALA C 16 29.74 10.91 -49.77
CA ALA C 16 28.40 10.87 -49.23
C ALA C 16 28.04 12.12 -48.42
N ILE C 17 29.02 12.93 -48.06
CA ILE C 17 28.76 14.10 -47.22
C ILE C 17 28.32 15.26 -48.11
N SER C 18 27.23 15.91 -47.72
CA SER C 18 26.75 17.06 -48.49
C SER C 18 27.64 18.27 -48.23
N ASP C 19 27.63 19.22 -49.18
CA ASP C 19 28.33 20.48 -48.96
C ASP C 19 27.81 21.22 -47.73
N GLU C 20 26.49 21.13 -47.48
CA GLU C 20 25.92 21.79 -46.31
C GLU C 20 26.49 21.21 -45.03
N THR C 21 26.56 19.89 -44.94
CA THR C 21 27.12 19.27 -43.75
C THR C 21 28.58 19.68 -43.56
N ARG C 22 29.36 19.71 -44.64
CA ARG C 22 30.75 20.13 -44.53
C ARG C 22 30.86 21.55 -44.01
N GLY C 23 30.02 22.45 -44.51
CA GLY C 23 30.04 23.83 -44.04
C GLY C 23 29.58 23.97 -42.60
N ILE C 24 28.55 23.20 -42.21
CA ILE C 24 28.12 23.19 -40.81
C ILE C 24 29.27 22.74 -39.91
N ASN C 25 29.98 21.67 -40.30
CA ASN C 25 31.08 21.19 -39.47
C ASN C 25 32.17 22.24 -39.35
N ASP C 26 32.46 22.98 -40.42
CA ASP C 26 33.42 24.07 -40.31
C ASP C 26 32.93 25.11 -39.30
N PHE C 27 31.65 25.45 -39.36
CA PHE C 27 31.08 26.42 -38.42
C PHE C 27 31.16 25.93 -36.98
N ILE C 28 30.90 24.64 -36.76
CA ILE C 28 30.95 24.06 -35.42
C ILE C 28 32.36 24.10 -34.86
N ILE C 29 33.35 23.71 -35.67
CA ILE C 29 34.73 23.73 -35.19
C ILE C 29 35.11 25.13 -34.72
N LYS C 30 34.75 26.16 -35.48
CA LYS C 30 35.06 27.52 -35.07
C LYS C 30 34.36 27.88 -33.77
N ALA C 31 33.10 27.47 -33.62
CA ALA C 31 32.37 27.80 -32.40
C ALA C 31 33.00 27.16 -31.17
N PHE C 32 33.41 25.90 -31.27
CA PHE C 32 33.95 25.21 -30.10
C PHE C 32 35.35 25.69 -29.74
N GLU C 33 36.12 26.16 -30.73
CA GLU C 33 37.48 26.56 -30.43
C GLU C 33 37.54 27.78 -29.52
N ALA C 34 36.47 28.54 -29.44
CA ALA C 34 36.41 29.72 -28.59
C ALA C 34 36.05 29.40 -27.16
N VAL C 35 35.75 28.14 -26.84
CA VAL C 35 35.28 27.78 -25.51
C VAL C 35 36.46 27.36 -24.64
N PRO C 36 36.61 27.93 -23.45
CA PRO C 36 37.66 27.47 -22.54
C PRO C 36 37.44 26.02 -22.15
N GLU C 37 38.49 25.40 -21.62
CA GLU C 37 38.40 24.02 -21.16
C GLU C 37 37.85 24.01 -19.74
N TRP C 38 36.84 23.18 -19.49
CA TRP C 38 36.27 23.17 -18.14
C TRP C 38 37.27 22.65 -17.11
N TRP C 39 38.22 21.80 -17.52
CA TRP C 39 39.21 21.30 -16.57
C TRP C 39 40.31 22.30 -16.26
N GLU C 40 40.42 23.39 -17.01
CA GLU C 40 41.36 24.45 -16.70
C GLU C 40 40.69 25.63 -16.01
N ILE C 41 39.46 25.95 -16.38
CA ILE C 41 38.78 27.11 -15.82
C ILE C 41 37.71 26.74 -14.79
N GLY C 42 37.29 25.48 -14.73
CA GLY C 42 36.29 25.02 -13.79
C GLY C 42 34.95 24.77 -14.47
N ALA C 43 34.30 23.68 -14.04
CA ALA C 43 33.01 23.30 -14.63
C ALA C 43 31.93 24.35 -14.38
N ALA C 44 31.97 25.01 -13.22
CA ALA C 44 30.93 25.99 -12.91
C ALA C 44 30.84 27.06 -13.99
N THR C 45 31.99 27.60 -14.39
CA THR C 45 31.99 28.68 -15.37
C THR C 45 31.53 28.18 -16.74
N VAL C 46 31.98 27.00 -17.15
CA VAL C 46 31.58 26.45 -18.44
C VAL C 46 30.10 26.10 -18.43
N ARG C 47 29.58 25.62 -17.30
CA ARG C 47 28.16 25.33 -17.20
C ARG C 47 27.33 26.56 -17.49
N GLU C 48 27.61 27.66 -16.79
CA GLU C 48 26.90 28.91 -17.08
C GLU C 48 27.11 29.33 -18.53
N ALA C 49 28.26 29.01 -19.11
CA ALA C 49 28.50 29.34 -20.52
C ALA C 49 27.63 28.49 -21.44
N ARG C 50 27.58 27.17 -21.20
CA ARG C 50 26.70 26.33 -22.01
C ARG C 50 25.25 26.71 -21.83
N ALA C 51 24.87 27.20 -20.64
CA ALA C 51 23.48 27.58 -20.40
C ALA C 51 23.03 28.69 -21.33
N ARG C 52 23.88 29.71 -21.53
CA ARG C 52 23.53 30.87 -22.33
C ARG C 52 23.86 30.72 -23.81
N GLY C 53 24.08 29.50 -24.29
CA GLY C 53 24.41 29.28 -25.68
C GLY C 53 25.81 29.70 -26.07
N GLU C 54 26.73 29.81 -25.10
CA GLU C 54 28.10 30.25 -25.36
C GLU C 54 29.11 29.13 -25.25
N GLY C 55 28.66 27.87 -25.18
CA GLY C 55 29.56 26.76 -25.01
C GLY C 55 29.58 25.79 -26.17
N GLY C 56 29.48 26.32 -27.39
CA GLY C 56 29.54 25.48 -28.58
C GLY C 56 28.18 25.19 -29.19
N PHE C 57 27.22 24.79 -28.34
CA PHE C 57 25.90 24.43 -28.83
C PHE C 57 25.00 25.66 -28.90
N PRO C 58 23.97 25.61 -29.74
CA PRO C 58 23.04 26.75 -29.83
C PRO C 58 22.28 26.97 -28.53
N LEU C 59 21.68 28.15 -28.43
CA LEU C 59 20.85 28.50 -27.28
C LEU C 59 19.44 27.97 -27.51
N PRO C 60 18.91 27.15 -26.60
CA PRO C 60 17.59 26.56 -26.82
C PRO C 60 16.51 27.29 -26.03
N PRO C 61 15.57 27.92 -26.72
CA PRO C 61 14.53 28.70 -26.01
C PRO C 61 13.64 27.81 -25.15
N LYS C 62 13.28 28.32 -23.99
CA LYS C 62 12.50 27.53 -23.04
C LYS C 62 11.02 27.60 -23.34
N SER C 63 10.33 26.49 -23.08
CA SER C 63 8.89 26.39 -23.30
C SER C 63 8.14 26.99 -22.13
N GLU C 64 7.13 27.82 -22.43
CA GLU C 64 6.29 28.34 -21.35
C GLU C 64 5.39 27.27 -20.75
N ARG C 65 5.23 26.12 -21.42
CA ARG C 65 4.45 25.01 -20.92
C ARG C 65 5.17 24.20 -19.84
N ALA C 66 6.49 24.40 -19.67
CA ALA C 66 7.25 23.54 -18.77
C ALA C 66 6.80 23.74 -17.33
N ARG C 67 6.75 22.63 -16.59
CA ARG C 67 6.57 22.65 -15.14
C ARG C 67 7.57 21.69 -14.52
N THR C 68 7.85 21.90 -13.24
CA THR C 68 8.91 21.17 -12.57
C THR C 68 8.37 20.57 -11.27
N ILE C 69 8.67 19.29 -11.04
CA ILE C 69 8.41 18.63 -9.77
C ILE C 69 9.73 18.11 -9.23
N GLU C 70 9.71 17.69 -7.97
CA GLU C 70 10.88 17.12 -7.32
C GLU C 70 10.50 15.79 -6.68
N ILE C 71 11.33 14.77 -6.88
CA ILE C 71 11.13 13.46 -6.27
C ILE C 71 12.29 13.18 -5.32
N GLU C 72 12.08 12.20 -4.45
CA GLU C 72 13.09 11.84 -3.47
C GLU C 72 14.19 11.02 -4.11
N GLY C 73 15.44 11.45 -3.91
CA GLY C 73 16.60 10.72 -4.39
C GLY C 73 17.24 9.86 -3.30
N LYS C 74 18.15 8.99 -3.74
CA LYS C 74 18.84 8.09 -2.83
C LYS C 74 19.73 8.90 -1.89
N GLY C 75 19.41 8.85 -0.60
CA GLY C 75 20.13 9.63 0.38
C GLY C 75 19.44 10.89 0.84
N GLY C 76 18.27 11.21 0.28
CA GLY C 76 17.43 12.27 0.80
C GLY C 76 17.44 13.55 0.00
N HIS C 77 18.35 13.72 -0.95
CA HIS C 77 18.29 14.90 -1.80
C HIS C 77 17.09 14.81 -2.74
N LYS C 78 16.73 15.95 -3.32
CA LYS C 78 15.61 16.04 -4.25
C LYS C 78 16.13 16.03 -5.68
N VAL C 79 15.49 15.22 -6.53
CA VAL C 79 15.82 15.12 -7.95
C VAL C 79 14.74 15.87 -8.73
N PRO C 80 15.05 17.01 -9.35
CA PRO C 80 14.03 17.70 -10.16
C PRO C 80 13.74 16.96 -11.45
N LEU C 81 12.49 17.07 -11.91
CA LEU C 81 12.05 16.56 -13.20
C LEU C 81 11.28 17.67 -13.91
N ARG C 82 11.64 17.93 -15.16
CA ARG C 82 11.01 18.96 -15.98
C ARG C 82 10.02 18.30 -16.93
N ILE C 83 8.77 18.79 -16.94
CA ILE C 83 7.65 18.14 -17.60
C ILE C 83 7.09 19.07 -18.67
N ILE C 84 7.05 18.58 -19.90
CA ILE C 84 6.36 19.23 -21.02
C ILE C 84 5.43 18.20 -21.62
N ALA C 85 4.12 18.42 -21.48
CA ALA C 85 3.15 17.38 -21.81
C ALA C 85 1.95 17.94 -22.57
N PRO C 86 1.45 17.20 -23.55
CA PRO C 86 0.15 17.55 -24.16
C PRO C 86 -0.98 17.23 -23.21
N GLU C 87 -2.19 17.68 -23.57
CA GLU C 87 -3.31 17.58 -22.64
C GLU C 87 -3.72 16.12 -22.40
N SER C 88 -3.64 15.27 -23.43
CA SER C 88 -4.01 13.85 -23.34
C SER C 88 -2.85 13.02 -23.85
N PRO C 89 -1.85 12.78 -23.01
CA PRO C 89 -0.64 12.07 -23.49
C PRO C 89 -0.97 10.67 -24.00
N LYS C 90 -0.31 10.28 -25.08
CA LYS C 90 -0.38 8.91 -25.57
C LYS C 90 0.68 8.02 -24.95
N GLY C 91 1.50 8.58 -24.06
CA GLY C 91 2.60 7.88 -23.45
C GLY C 91 3.52 8.89 -22.81
N VAL C 92 4.63 8.39 -22.28
CA VAL C 92 5.63 9.20 -21.57
C VAL C 92 7.00 8.95 -22.21
N TYR C 93 7.79 10.02 -22.35
CA TYR C 93 9.18 9.94 -22.82
C TYR C 93 10.07 10.43 -21.69
N LEU C 94 10.75 9.50 -21.03
CA LEU C 94 11.73 9.83 -20.00
C LEU C 94 13.04 10.21 -20.69
N HIS C 95 13.42 11.49 -20.60
CA HIS C 95 14.57 12.02 -21.31
C HIS C 95 15.72 12.29 -20.35
N ILE C 96 16.93 11.94 -20.79
CA ILE C 96 18.14 12.17 -20.00
C ILE C 96 19.14 12.97 -20.84
N HIS C 97 19.48 14.16 -20.40
CA HIS C 97 20.37 15.04 -21.17
C HIS C 97 21.81 14.54 -21.15
N GLY C 98 22.58 14.98 -22.16
CA GLY C 98 24.00 14.70 -22.23
C GLY C 98 24.84 15.85 -21.70
N GLY C 99 26.15 15.72 -21.92
CA GLY C 99 27.10 16.69 -21.40
C GLY C 99 28.26 16.05 -20.65
N GLY C 100 28.64 14.83 -21.03
CA GLY C 100 29.81 14.21 -20.47
C GLY C 100 29.73 13.88 -18.99
N TRP C 101 28.52 13.75 -18.44
CA TRP C 101 28.26 13.53 -17.03
C TRP C 101 28.64 14.73 -16.17
N VAL C 102 29.05 15.85 -16.78
CA VAL C 102 29.65 17.01 -16.10
C VAL C 102 28.86 18.28 -16.37
N LEU C 103 28.29 18.41 -17.57
CA LEU C 103 27.64 19.61 -18.06
C LEU C 103 26.17 19.31 -18.39
N GLY C 104 25.43 20.35 -18.75
CA GLY C 104 24.05 20.18 -19.18
C GLY C 104 23.05 20.36 -18.05
N ALA C 105 21.77 20.27 -18.42
CA ALA C 105 20.70 20.43 -17.44
C ALA C 105 19.38 20.02 -18.07
N CYS C 106 18.38 19.78 -17.23
CA CYS C 106 17.08 19.31 -17.69
C CYS C 106 16.34 20.34 -18.53
N ASP C 107 16.74 21.61 -18.50
CA ASP C 107 16.02 22.69 -19.16
C ASP C 107 16.80 23.31 -20.32
N GLN C 108 17.79 22.59 -20.87
CA GLN C 108 18.58 23.11 -21.97
C GLN C 108 18.24 22.47 -23.32
N GLN C 109 17.07 21.85 -23.43
CA GLN C 109 16.65 21.26 -24.70
C GLN C 109 15.14 21.27 -24.84
N ASP C 110 14.48 22.34 -24.39
CA ASP C 110 13.03 22.43 -24.52
C ASP C 110 12.55 22.28 -25.96
N PRO C 111 13.24 22.83 -26.98
CA PRO C 111 12.76 22.62 -28.36
C PRO C 111 12.59 21.16 -28.72
N MET C 112 13.55 20.31 -28.35
CA MET C 112 13.45 18.89 -28.64
C MET C 112 12.28 18.26 -27.88
N LEU C 113 12.09 18.66 -26.62
CA LEU C 113 10.98 18.10 -25.84
C LEU C 113 9.64 18.52 -26.43
N GLU C 114 9.52 19.79 -26.83
CA GLU C 114 8.30 20.25 -27.48
C GLU C 114 8.08 19.51 -28.79
N ARG C 115 9.16 19.21 -29.53
CA ARG C 115 9.03 18.49 -30.79
C ARG C 115 8.42 17.10 -30.57
N ILE C 116 8.90 16.38 -29.57
CA ILE C 116 8.39 15.05 -29.29
C ILE C 116 6.96 15.10 -28.75
N ALA C 117 6.67 16.05 -27.86
CA ALA C 117 5.30 16.19 -27.37
C ALA C 117 4.34 16.51 -28.50
N GLN C 118 4.74 17.37 -29.44
CA GLN C 118 3.85 17.75 -30.52
C GLN C 118 3.72 16.67 -31.58
N ASN C 119 4.85 16.05 -31.97
CA ASN C 119 4.86 15.12 -33.09
C ASN C 119 4.56 13.68 -32.71
N ALA C 120 4.77 13.30 -31.45
CA ALA C 120 4.47 11.94 -31.00
C ALA C 120 3.46 11.89 -29.86
N GLY C 121 2.96 13.03 -29.39
CA GLY C 121 1.91 13.04 -28.40
C GLY C 121 2.31 12.58 -27.01
N LEU C 122 3.60 12.62 -26.69
CA LEU C 122 4.10 12.06 -25.45
C LEU C 122 4.31 13.16 -24.40
N ALA C 123 4.03 12.83 -23.14
CA ALA C 123 4.47 13.67 -22.04
C ALA C 123 5.96 13.46 -21.86
N CYS C 124 6.73 14.55 -21.89
CA CYS C 124 8.18 14.47 -21.80
C CYS C 124 8.60 14.84 -20.38
N VAL C 125 9.48 14.01 -19.81
CA VAL C 125 9.95 14.16 -18.43
C VAL C 125 11.46 14.10 -18.48
N SER C 126 12.13 15.23 -18.25
CA SER C 126 13.58 15.33 -18.41
C SER C 126 14.24 15.42 -17.04
N VAL C 127 15.23 14.57 -16.78
CA VAL C 127 15.76 14.33 -15.44
C VAL C 127 16.91 15.28 -15.17
N GLU C 128 16.86 15.96 -14.02
CA GLU C 128 17.96 16.80 -13.56
C GLU C 128 18.81 15.95 -12.61
N TYR C 129 19.74 15.21 -13.17
CA TYR C 129 20.59 14.31 -12.39
C TYR C 129 21.85 15.02 -11.92
N ARG C 130 22.41 14.53 -10.80
CA ARG C 130 23.60 15.17 -10.25
C ARG C 130 24.80 14.98 -11.17
N LEU C 131 25.71 15.96 -11.15
CA LEU C 131 26.77 16.08 -12.14
C LEU C 131 28.13 15.92 -11.46
N ALA C 132 29.04 15.22 -12.17
CA ALA C 132 30.46 15.17 -11.83
C ALA C 132 31.12 16.49 -12.24
N PRO C 133 32.28 16.83 -11.66
CA PRO C 133 33.09 16.05 -10.74
C PRO C 133 32.57 16.09 -9.31
N GLU C 134 31.61 16.96 -8.97
CA GLU C 134 31.16 17.09 -7.59
C GLU C 134 30.47 15.83 -7.14
N HIS C 135 29.71 15.18 -8.01
CA HIS C 135 28.95 13.97 -7.71
C HIS C 135 29.25 12.91 -8.75
N PRO C 136 30.33 12.15 -8.59
CA PRO C 136 30.71 11.15 -9.58
C PRO C 136 29.83 9.91 -9.48
N TYR C 137 30.12 8.95 -10.35
CA TYR C 137 29.43 7.67 -10.33
C TYR C 137 29.39 7.15 -8.89
N PRO C 138 28.26 6.59 -8.44
CA PRO C 138 27.02 6.31 -9.19
C PRO C 138 25.92 7.37 -9.04
N ALA C 139 26.23 8.61 -8.67
CA ALA C 139 25.19 9.59 -8.38
C ALA C 139 24.25 9.79 -9.56
N GLY C 140 24.80 10.01 -10.76
CA GLY C 140 23.99 10.24 -11.94
C GLY C 140 23.06 9.07 -12.22
N PRO C 141 23.63 7.87 -12.36
CA PRO C 141 22.76 6.69 -12.53
C PRO C 141 21.74 6.51 -11.42
N ASP C 142 22.10 6.80 -10.16
CA ASP C 142 21.15 6.65 -9.07
C ASP C 142 19.95 7.58 -9.25
N ASP C 143 20.19 8.80 -9.76
CA ASP C 143 19.09 9.74 -9.96
C ASP C 143 18.21 9.32 -11.13
N CYS C 144 18.81 8.81 -12.21
CA CYS C 144 18.01 8.36 -13.34
C CYS C 144 17.19 7.13 -12.98
N GLU C 145 17.75 6.22 -12.17
CA GLU C 145 16.99 5.07 -11.70
C GLU C 145 15.81 5.49 -10.84
N ALA C 146 16.03 6.44 -9.93
CA ALA C 146 14.94 6.92 -9.09
C ALA C 146 13.83 7.53 -9.94
N ALA C 147 14.21 8.27 -11.00
CA ALA C 147 13.21 8.85 -11.88
C ALA C 147 12.43 7.77 -12.63
N ALA C 148 13.11 6.76 -13.17
CA ALA C 148 12.40 5.69 -13.88
C ALA C 148 11.46 4.93 -12.95
N LEU C 149 11.91 4.62 -11.74
CA LEU C 149 11.05 3.89 -10.80
C LEU C 149 9.86 4.74 -10.38
N TRP C 150 10.07 6.04 -10.14
CA TRP C 150 8.96 6.94 -9.85
C TRP C 150 7.94 6.94 -10.98
N LEU C 151 8.43 6.92 -12.22
CA LEU C 151 7.53 6.95 -13.37
C LEU C 151 6.73 5.66 -13.47
N VAL C 152 7.38 4.51 -13.26
CA VAL C 152 6.66 3.25 -13.28
C VAL C 152 5.50 3.29 -12.27
N LYS C 153 5.79 3.79 -11.06
CA LYS C 153 4.78 3.80 -9.99
C LYS C 153 3.73 4.88 -10.15
N ASN C 154 4.05 6.00 -10.79
CA ASN C 154 3.18 7.18 -10.75
C ASN C 154 2.64 7.66 -12.09
N ALA C 155 3.06 7.07 -13.21
CA ALA C 155 2.68 7.59 -14.51
C ALA C 155 1.16 7.54 -14.71
N LYS C 156 0.51 6.47 -14.26
CA LYS C 156 -0.94 6.38 -14.43
C LYS C 156 -1.63 7.58 -13.78
N LYS C 157 -1.29 7.88 -12.52
CA LYS C 157 -1.94 9.00 -11.84
C LYS C 157 -1.54 10.33 -12.46
N GLU C 158 -0.27 10.48 -12.83
CA GLU C 158 0.25 11.78 -13.23
C GLU C 158 -0.13 12.13 -14.67
N PHE C 159 -0.08 11.15 -15.58
CA PHE C 159 -0.26 11.41 -17.00
C PHE C 159 -1.42 10.64 -17.63
N GLY C 160 -2.10 9.78 -16.88
CA GLY C 160 -3.20 9.01 -17.41
C GLY C 160 -2.80 7.84 -18.28
N THR C 161 -1.53 7.44 -18.25
CA THR C 161 -1.03 6.39 -19.12
C THR C 161 0.16 5.70 -18.45
N GLU C 162 0.32 4.40 -18.72
CA GLU C 162 1.49 3.65 -18.27
C GLU C 162 2.41 3.24 -19.43
N VAL C 163 2.21 3.82 -20.61
CA VAL C 163 3.05 3.54 -21.78
C VAL C 163 4.29 4.43 -21.67
N LEU C 164 5.46 3.80 -21.48
CA LEU C 164 6.69 4.52 -21.19
C LEU C 164 7.74 4.26 -22.25
N THR C 165 8.51 5.30 -22.60
CA THR C 165 9.70 5.21 -23.44
C THR C 165 10.83 5.97 -22.74
N ILE C 166 12.06 5.76 -23.23
CA ILE C 166 13.25 6.40 -22.64
C ILE C 166 14.20 6.80 -23.77
N GLY C 167 15.03 7.81 -23.50
CA GLY C 167 15.98 8.24 -24.52
C GLY C 167 16.87 9.37 -24.02
N GLY C 168 17.95 9.59 -24.77
CA GLY C 168 18.87 10.66 -24.41
C GLY C 168 20.04 10.68 -25.38
N GLU C 169 20.83 11.76 -25.26
CA GLU C 169 21.95 12.05 -26.16
C GLU C 169 23.27 11.90 -25.43
N SER C 170 24.23 11.23 -26.06
N SER C 170 24.22 11.17 -26.04
CA SER C 170 25.62 11.19 -25.58
CA SER C 170 25.60 11.12 -25.58
C SER C 170 25.66 10.55 -24.20
C SER C 170 25.65 10.53 -24.18
N ALA C 171 26.12 11.26 -23.16
CA ALA C 171 26.09 10.71 -21.81
C ALA C 171 24.67 10.37 -21.38
N GLY C 172 23.67 11.05 -21.96
CA GLY C 172 22.28 10.71 -21.70
C GLY C 172 21.84 9.43 -22.38
N GLY C 173 22.47 9.09 -23.52
CA GLY C 173 22.25 7.78 -24.10
C GLY C 173 22.87 6.67 -23.26
N HIS C 174 24.08 6.93 -22.75
CA HIS C 174 24.71 6.03 -21.80
C HIS C 174 23.80 5.79 -20.61
N LEU C 175 23.30 6.87 -19.99
CA LEU C 175 22.47 6.72 -18.80
C LEU C 175 21.12 6.06 -19.09
N SER C 176 20.58 6.28 -20.29
CA SER C 176 19.35 5.58 -20.68
C SER C 176 19.56 4.06 -20.68
N ALA C 177 20.66 3.60 -21.28
CA ALA C 177 20.96 2.17 -21.29
C ALA C 177 21.22 1.64 -19.87
N VAL C 178 21.99 2.38 -19.07
CA VAL C 178 22.23 1.97 -17.68
C VAL C 178 20.91 1.84 -16.92
N THR C 179 20.00 2.79 -17.14
CA THR C 179 18.70 2.79 -16.45
C THR C 179 17.84 1.62 -16.90
N LEU C 180 17.78 1.34 -18.20
CA LEU C 180 17.03 0.17 -18.67
C LEU C 180 17.50 -1.09 -17.99
N LEU C 181 18.83 -1.26 -17.90
CA LEU C 181 19.39 -2.48 -17.32
C LEU C 181 19.13 -2.55 -15.82
N ARG C 182 19.27 -1.43 -15.11
CA ARG C 182 18.95 -1.42 -13.67
C ARG C 182 17.46 -1.70 -13.41
N MET C 183 16.56 -1.11 -14.22
CA MET C 183 15.14 -1.40 -14.00
C MET C 183 14.84 -2.88 -14.17
N ARG C 184 15.48 -3.53 -15.14
CA ARG C 184 15.32 -4.97 -15.29
C ARG C 184 15.92 -5.73 -14.12
N ASP C 185 17.20 -5.46 -13.81
CA ASP C 185 17.96 -6.26 -12.84
C ASP C 185 17.55 -5.98 -11.40
N ARG C 186 17.35 -4.72 -11.04
CA ARG C 186 17.06 -4.36 -9.65
C ARG C 186 15.58 -4.40 -9.31
N HIS C 187 14.71 -4.24 -10.31
CA HIS C 187 13.28 -4.11 -10.06
C HIS C 187 12.40 -5.07 -10.84
N GLY C 188 12.95 -5.83 -11.79
CA GLY C 188 12.13 -6.70 -12.60
C GLY C 188 11.23 -6.01 -13.61
N TYR C 189 11.45 -4.73 -13.86
CA TYR C 189 10.63 -3.98 -14.80
C TYR C 189 11.23 -4.08 -16.21
N LYS C 190 10.46 -4.60 -17.15
CA LYS C 190 10.89 -4.72 -18.53
C LYS C 190 9.83 -4.19 -19.49
N GLY C 191 9.13 -3.15 -19.06
CA GLY C 191 7.96 -2.66 -19.77
C GLY C 191 8.16 -1.46 -20.69
N PHE C 192 9.37 -0.89 -20.78
CA PHE C 192 9.54 0.22 -21.71
C PHE C 192 9.22 -0.22 -23.12
N LYS C 193 8.56 0.66 -23.88
CA LYS C 193 8.17 0.36 -25.26
C LYS C 193 9.28 0.62 -26.25
N GLY C 194 10.24 1.48 -25.91
CA GLY C 194 11.32 1.79 -26.82
C GLY C 194 12.36 2.66 -26.16
N ALA C 195 13.57 2.63 -26.74
CA ALA C 195 14.71 3.41 -26.28
C ALA C 195 15.25 4.21 -27.46
N ASN C 196 15.34 5.52 -27.30
CA ASN C 196 15.86 6.43 -28.33
C ASN C 196 17.30 6.78 -27.93
N LEU C 197 18.27 6.05 -28.47
CA LEU C 197 19.66 6.15 -28.03
C LEU C 197 20.45 6.95 -29.06
N VAL C 198 20.64 8.24 -28.79
CA VAL C 198 21.18 9.19 -29.76
C VAL C 198 22.68 9.34 -29.46
N PHE C 199 23.51 8.86 -30.39
CA PHE C 199 24.97 8.82 -30.24
C PHE C 199 25.44 8.63 -28.80
N GLY C 200 25.05 7.52 -28.19
CA GLY C 200 25.42 7.26 -26.82
C GLY C 200 26.85 6.77 -26.66
N ALA C 201 27.36 6.93 -25.44
CA ALA C 201 28.60 6.31 -25.02
C ALA C 201 28.26 5.01 -24.30
N PHE C 202 28.79 3.89 -24.77
CA PHE C 202 28.48 2.60 -24.15
C PHE C 202 29.70 1.85 -23.62
N ASP C 203 30.90 2.27 -23.97
CA ASP C 203 32.14 1.63 -23.53
C ASP C 203 33.03 2.69 -22.88
N MET C 204 33.06 2.72 -21.54
CA MET C 204 33.89 3.66 -20.81
C MET C 204 35.37 3.28 -20.81
N SER C 205 35.73 2.11 -21.32
CA SER C 205 37.13 1.77 -21.51
C SER C 205 37.69 2.32 -22.82
N MET C 206 36.84 2.95 -23.64
CA MET C 206 37.18 3.62 -24.90
C MET C 206 37.25 2.66 -26.07
N SER C 207 36.23 2.69 -26.93
CA SER C 207 36.18 1.87 -28.12
C SER C 207 37.22 2.37 -29.13
N PRO C 208 37.49 1.61 -30.19
CA PRO C 208 38.56 2.02 -31.12
C PRO C 208 38.38 3.41 -31.70
N SER C 209 37.17 3.78 -32.12
CA SER C 209 37.00 5.10 -32.74
C SER C 209 37.24 6.23 -31.74
N GLN C 210 36.93 6.01 -30.46
CA GLN C 210 37.16 7.03 -29.45
C GLN C 210 38.65 7.34 -29.32
N ARG C 211 39.49 6.31 -29.44
CA ARG C 211 40.91 6.47 -29.18
C ARG C 211 41.62 7.23 -30.29
N VAL C 212 41.15 7.11 -31.54
CA VAL C 212 41.88 7.66 -32.68
C VAL C 212 41.22 8.89 -33.29
N PHE C 213 40.09 9.35 -32.74
CA PHE C 213 39.43 10.50 -33.34
C PHE C 213 40.34 11.72 -33.39
N GLY C 214 41.06 11.98 -32.31
CA GLY C 214 41.97 13.12 -32.28
C GLY C 214 41.35 14.35 -31.67
N ASN C 215 42.09 15.46 -31.80
CA ASN C 215 41.74 16.65 -31.05
C ASN C 215 41.33 17.84 -31.91
N GLU C 216 40.91 17.61 -33.16
CA GLU C 216 40.18 18.64 -33.88
C GLU C 216 38.82 18.80 -33.22
N ARG C 217 38.46 20.04 -32.88
CA ARG C 217 37.36 20.26 -31.94
C ARG C 217 35.99 20.28 -32.64
N LEU C 218 35.70 19.17 -33.33
CA LEU C 218 34.37 18.96 -33.89
C LEU C 218 33.47 18.38 -32.79
N VAL C 219 33.13 19.26 -31.84
CA VAL C 219 32.28 18.97 -30.68
C VAL C 219 33.00 18.15 -29.60
N LEU C 220 33.45 16.94 -29.95
CA LEU C 220 33.92 15.98 -28.96
C LEU C 220 35.25 15.39 -29.40
N ARG C 221 36.33 15.77 -28.71
CA ARG C 221 37.67 15.29 -29.00
C ARG C 221 38.00 14.07 -28.14
N THR C 222 39.04 13.34 -28.54
CA THR C 222 39.56 12.27 -27.70
C THR C 222 39.88 12.78 -26.30
N VAL C 223 40.50 13.97 -26.20
CA VAL C 223 40.82 14.51 -24.88
C VAL C 223 39.55 14.79 -24.08
N ASP C 224 38.47 15.22 -24.74
CA ASP C 224 37.22 15.45 -24.02
C ASP C 224 36.71 14.16 -23.40
N ILE C 225 36.73 13.07 -24.16
CA ILE C 225 36.27 11.78 -23.65
C ILE C 225 37.09 11.37 -22.44
N GLN C 226 38.41 11.54 -22.53
CA GLN C 226 39.30 11.19 -21.44
C GLN C 226 38.96 12.00 -20.19
N LYS C 227 38.77 13.32 -20.33
CA LYS C 227 38.54 14.17 -19.17
C LYS C 227 37.16 13.92 -18.55
N PHE C 228 36.13 13.78 -19.39
CA PHE C 228 34.79 13.46 -18.89
C PHE C 228 34.80 12.13 -18.14
N GLY C 229 35.42 11.10 -18.72
CA GLY C 229 35.42 9.79 -18.09
C GLY C 229 36.12 9.81 -16.75
N ASP C 230 37.23 10.55 -16.64
CA ASP C 230 37.95 10.63 -15.37
C ASP C 230 37.16 11.39 -14.32
N ALA C 231 36.34 12.38 -14.73
CA ALA C 231 35.51 13.08 -13.75
C ALA C 231 34.39 12.19 -13.23
N PHE C 232 33.75 11.43 -14.13
CA PHE C 232 32.65 10.55 -13.77
C PHE C 232 33.13 9.35 -12.98
N LEU C 233 34.33 8.84 -13.29
CA LEU C 233 34.87 7.61 -12.72
C LEU C 233 36.25 7.87 -12.15
N PRO C 234 36.32 8.65 -11.06
CA PRO C 234 37.62 9.07 -10.52
C PRO C 234 38.28 8.10 -9.54
N ASN C 235 37.60 7.02 -9.15
CA ASN C 235 38.04 6.19 -8.03
C ASN C 235 38.58 4.83 -8.45
N GLY C 236 39.09 4.71 -9.66
CA GLY C 236 39.63 3.43 -10.11
C GLY C 236 38.60 2.33 -10.27
N GLU C 237 37.35 2.66 -10.57
CA GLU C 237 36.38 1.62 -10.83
C GLU C 237 36.75 0.87 -12.12
N ASP C 238 36.25 -0.36 -12.23
CA ASP C 238 36.48 -1.19 -13.41
C ASP C 238 35.64 -0.65 -14.56
N ARG C 239 36.31 -0.09 -15.57
CA ARG C 239 35.56 0.57 -16.64
C ARG C 239 34.88 -0.40 -17.60
N ARG C 240 35.04 -1.71 -17.41
CA ARG C 240 34.27 -2.68 -18.18
C ARG C 240 33.17 -3.33 -17.34
N ASP C 241 32.92 -2.83 -16.13
CA ASP C 241 31.81 -3.34 -15.33
C ASP C 241 30.49 -3.03 -16.04
N PRO C 242 29.55 -3.99 -16.07
CA PRO C 242 28.32 -3.79 -16.87
C PRO C 242 27.46 -2.62 -16.45
N ASP C 243 27.54 -2.17 -15.19
CA ASP C 243 26.76 -1.02 -14.76
C ASP C 243 27.42 0.29 -15.15
N ILE C 244 28.71 0.26 -15.44
CA ILE C 244 29.44 1.44 -15.90
C ILE C 244 29.49 1.49 -17.43
N SER C 245 29.73 0.34 -18.07
CA SER C 245 29.79 0.23 -19.52
C SER C 245 28.70 -0.74 -19.96
N PRO C 246 27.52 -0.24 -20.36
CA PRO C 246 26.44 -1.14 -20.78
C PRO C 246 26.79 -2.06 -21.94
N LEU C 247 27.79 -1.70 -22.77
CA LEU C 247 28.22 -2.60 -23.82
C LEU C 247 28.60 -3.99 -23.29
N TYR C 248 28.98 -4.10 -22.01
CA TYR C 248 29.40 -5.37 -21.43
C TYR C 248 28.28 -6.12 -20.72
N ALA C 249 27.09 -5.54 -20.65
CA ALA C 249 25.97 -6.16 -19.95
C ALA C 249 25.31 -7.25 -20.80
N ASN C 250 24.65 -8.19 -20.13
CA ASN C 250 23.75 -9.10 -20.83
C ASN C 250 22.49 -8.34 -21.23
N LEU C 251 22.10 -8.42 -22.49
CA LEU C 251 21.06 -7.53 -23.02
C LEU C 251 19.71 -8.21 -23.25
N HIS C 252 19.43 -9.31 -22.56
CA HIS C 252 18.13 -9.95 -22.70
C HIS C 252 17.00 -9.02 -22.23
N ASP C 253 15.82 -9.21 -22.81
CA ASP C 253 14.61 -8.53 -22.33
C ASP C 253 14.66 -7.02 -22.51
N MET C 254 15.41 -6.51 -23.51
CA MET C 254 15.46 -5.07 -23.74
C MET C 254 14.41 -4.65 -24.75
N PRO C 255 13.97 -3.38 -24.71
CA PRO C 255 12.95 -2.92 -25.65
C PRO C 255 13.53 -2.65 -27.03
N PRO C 256 12.68 -2.49 -28.03
CA PRO C 256 13.17 -1.98 -29.32
C PRO C 256 13.95 -0.69 -29.13
N ALA C 257 15.03 -0.54 -29.89
CA ALA C 257 15.87 0.63 -29.78
C ALA C 257 16.09 1.26 -31.15
N LEU C 258 16.21 2.59 -31.16
CA LEU C 258 16.68 3.35 -32.31
C LEU C 258 18.06 3.90 -31.95
N PHE C 259 19.07 3.58 -32.76
CA PHE C 259 20.42 4.10 -32.58
C PHE C 259 20.69 5.11 -33.69
N THR C 260 21.09 6.33 -33.31
CA THR C 260 21.36 7.43 -34.24
C THR C 260 22.83 7.84 -34.10
N VAL C 261 23.54 7.98 -35.22
CA VAL C 261 24.93 8.41 -35.14
C VAL C 261 25.38 9.01 -36.46
N GLY C 262 26.26 10.02 -36.39
CA GLY C 262 26.90 10.57 -37.56
C GLY C 262 28.27 9.95 -37.80
N THR C 263 28.72 9.97 -39.05
CA THR C 263 29.94 9.25 -39.39
C THR C 263 31.21 9.97 -38.96
N ARG C 264 31.13 11.23 -38.53
CA ARG C 264 32.29 11.98 -38.06
C ARG C 264 32.24 12.19 -36.55
N ASP C 265 31.79 11.16 -35.82
CA ASP C 265 31.62 11.16 -34.38
C ASP C 265 32.66 10.21 -33.78
N ALA C 266 33.39 10.69 -32.76
CA ALA C 266 34.31 9.82 -32.03
C ALA C 266 33.63 8.58 -31.47
N LEU C 267 32.32 8.66 -31.21
CA LEU C 267 31.58 7.55 -30.63
C LEU C 267 30.89 6.67 -31.67
N VAL C 268 31.35 6.70 -32.92
N VAL C 268 31.33 6.73 -32.93
CA VAL C 268 30.68 5.91 -33.95
CA VAL C 268 30.74 5.89 -33.97
C VAL C 268 30.73 4.41 -33.61
C VAL C 268 30.72 4.44 -33.53
N ASP C 269 31.87 3.92 -33.11
CA ASP C 269 31.95 2.49 -32.79
C ASP C 269 31.02 2.12 -31.64
N ASP C 270 30.86 3.01 -30.65
CA ASP C 270 29.92 2.72 -29.56
C ASP C 270 28.53 2.40 -30.09
N THR C 271 28.05 3.23 -31.04
CA THR C 271 26.72 2.96 -31.61
C THR C 271 26.72 1.68 -32.42
N LEU C 272 27.70 1.49 -33.31
CA LEU C 272 27.69 0.28 -34.14
C LEU C 272 27.83 -0.98 -33.28
N PHE C 273 28.68 -0.93 -32.25
CA PHE C 273 28.87 -2.09 -31.37
C PHE C 273 27.62 -2.38 -30.54
N MET C 274 27.04 -1.34 -29.94
CA MET C 274 25.87 -1.56 -29.08
C MET C 274 24.68 -2.04 -29.90
N HIS C 275 24.49 -1.47 -31.11
CA HIS C 275 23.48 -1.96 -32.04
C HIS C 275 23.66 -3.45 -32.34
N ALA C 276 24.90 -3.86 -32.67
CA ALA C 276 25.17 -5.27 -32.93
C ALA C 276 24.81 -6.16 -31.74
N ARG C 277 25.20 -5.76 -30.52
CA ARG C 277 24.91 -6.59 -29.36
C ARG C 277 23.42 -6.61 -29.03
N TRP C 278 22.73 -5.49 -29.28
CA TRP C 278 21.29 -5.43 -29.05
C TRP C 278 20.58 -6.48 -29.91
N ILE C 279 20.97 -6.55 -31.19
CA ILE C 279 20.40 -7.54 -32.11
C ILE C 279 20.84 -8.96 -31.72
N ALA C 280 22.12 -9.12 -31.35
CA ALA C 280 22.64 -10.43 -31.00
C ALA C 280 21.97 -11.02 -29.79
N ALA C 281 21.38 -10.18 -28.92
CA ALA C 281 20.60 -10.63 -27.78
C ALA C 281 19.14 -10.92 -28.14
N GLY C 282 18.77 -10.78 -29.42
CA GLY C 282 17.43 -11.09 -29.87
C GLY C 282 16.44 -9.95 -29.80
N ASN C 283 16.91 -8.73 -29.57
CA ASN C 283 16.04 -7.56 -29.46
C ASN C 283 15.92 -6.85 -30.80
N GLU C 284 14.85 -6.09 -30.94
CA GLU C 284 14.66 -5.29 -32.14
C GLU C 284 15.50 -4.02 -32.04
N ALA C 285 16.08 -3.63 -33.18
CA ALA C 285 16.87 -2.40 -33.21
C ALA C 285 16.81 -1.81 -34.61
N GLU C 286 16.78 -0.49 -34.66
CA GLU C 286 16.84 0.28 -35.89
C GLU C 286 18.09 1.16 -35.82
N LEU C 287 18.72 1.38 -36.97
CA LEU C 287 19.97 2.13 -37.03
C LEU C 287 19.84 3.24 -38.04
N GLY C 288 20.19 4.46 -37.63
CA GLY C 288 20.25 5.58 -38.54
C GLY C 288 21.66 6.15 -38.55
N VAL C 289 22.34 6.08 -39.71
CA VAL C 289 23.70 6.58 -39.85
C VAL C 289 23.65 7.77 -40.80
N PHE C 290 24.26 8.88 -40.41
CA PHE C 290 24.15 10.13 -41.16
C PHE C 290 25.51 10.62 -41.67
N PRO C 291 25.72 10.64 -42.99
CA PRO C 291 27.06 10.94 -43.54
C PRO C 291 27.55 12.31 -43.13
N GLY C 292 28.74 12.34 -42.54
CA GLY C 292 29.37 13.58 -42.14
C GLY C 292 28.97 14.09 -40.80
N GLY C 293 27.97 13.49 -40.16
CA GLY C 293 27.45 14.02 -38.91
C GLY C 293 28.47 14.07 -37.79
N ALA C 294 28.55 15.23 -37.14
CA ALA C 294 29.36 15.40 -35.95
C ALA C 294 28.67 14.75 -34.76
N HIS C 295 29.44 14.49 -33.72
CA HIS C 295 28.81 14.28 -32.42
C HIS C 295 27.93 15.48 -32.10
N GLY C 296 26.72 15.22 -31.62
CA GLY C 296 25.79 16.29 -31.31
C GLY C 296 25.09 16.92 -32.49
N PHE C 297 25.17 16.30 -33.68
CA PHE C 297 24.74 16.97 -34.90
C PHE C 297 23.25 17.34 -34.88
N VAL C 298 22.43 16.59 -34.15
CA VAL C 298 20.99 16.82 -34.16
C VAL C 298 20.59 18.14 -33.51
N ALA C 299 21.50 18.79 -32.78
CA ALA C 299 21.20 20.08 -32.17
C ALA C 299 21.34 21.26 -33.14
N PHE C 300 21.91 21.04 -34.30
CA PHE C 300 22.18 22.10 -35.27
C PHE C 300 21.17 22.07 -36.40
N PRO C 301 21.12 23.13 -37.22
CA PRO C 301 20.20 23.13 -38.36
C PRO C 301 20.68 22.22 -39.48
N GLY C 302 19.93 22.13 -40.56
CA GLY C 302 20.36 21.41 -41.74
C GLY C 302 19.64 20.08 -41.92
N GLU C 303 19.93 19.47 -43.07
CA GLU C 303 19.14 18.34 -43.55
C GLU C 303 19.35 17.09 -42.71
N ILE C 304 20.61 16.75 -42.38
CA ILE C 304 20.80 15.50 -41.67
C ILE C 304 20.23 15.57 -40.26
N ALA C 305 20.29 16.75 -39.62
CA ALA C 305 19.66 16.92 -38.32
C ALA C 305 18.14 16.76 -38.41
N ARG C 306 17.54 17.42 -39.41
CA ARG C 306 16.09 17.26 -39.62
C ARG C 306 15.74 15.80 -39.86
N ALA C 307 16.52 15.11 -40.68
CA ALA C 307 16.22 13.71 -40.99
C ALA C 307 16.33 12.82 -39.76
N ALA C 308 17.38 13.01 -38.95
CA ALA C 308 17.55 12.19 -37.76
C ALA C 308 16.47 12.46 -36.72
N ASN C 309 16.09 13.73 -36.54
CA ASN C 309 15.03 14.03 -35.59
C ASN C 309 13.69 13.48 -36.08
N ALA C 310 13.45 13.49 -37.39
CA ALA C 310 12.23 12.92 -37.93
C ALA C 310 12.19 11.41 -37.71
N GLN C 311 13.33 10.73 -37.85
CA GLN C 311 13.39 9.29 -37.61
C GLN C 311 13.06 8.97 -36.15
N ALA C 312 13.54 9.80 -35.22
CA ALA C 312 13.24 9.58 -33.81
C ALA C 312 11.74 9.75 -33.52
N ASP C 313 11.13 10.80 -34.08
CA ASP C 313 9.69 11.02 -33.88
C ASP C 313 8.89 9.82 -34.37
N ALA C 314 9.21 9.33 -35.57
CA ALA C 314 8.48 8.20 -36.13
C ALA C 314 8.69 6.94 -35.30
N PHE C 315 9.90 6.73 -34.79
CA PHE C 315 10.15 5.58 -33.93
C PHE C 315 9.28 5.65 -32.68
N LEU C 316 9.27 6.80 -32.02
CA LEU C 316 8.49 6.95 -30.80
C LEU C 316 7.00 6.77 -31.07
N ARG C 317 6.51 7.27 -32.21
CA ARG C 317 5.13 6.99 -32.57
C ARG C 317 4.89 5.50 -32.76
N ARG C 318 5.78 4.83 -33.49
N ARG C 318 5.80 4.84 -33.47
CA ARG C 318 5.55 3.42 -33.80
CA ARG C 318 5.60 3.43 -33.82
C ARG C 318 5.47 2.59 -32.52
C ARG C 318 5.52 2.55 -32.57
N VAL C 319 6.41 2.76 -31.61
CA VAL C 319 6.45 1.92 -30.41
C VAL C 319 5.34 2.24 -29.42
N THR C 320 4.67 3.39 -29.53
CA THR C 320 3.55 3.69 -28.65
C THR C 320 2.20 3.43 -29.31
N GLY C 321 2.19 2.68 -30.41
CA GLY C 321 0.94 2.24 -31.00
C GLY C 321 0.30 3.20 -31.97
N GLN C 322 1.04 4.19 -32.46
CA GLN C 322 0.45 5.17 -33.37
C GLN C 322 0.78 4.92 -34.84
C1 GOL D . 20.55 -14.13 -9.21
O1 GOL D . 20.55 -15.28 -8.42
C2 GOL D . 20.05 -14.49 -10.68
O2 GOL D . 19.30 -15.61 -10.73
C3 GOL D . 19.36 -13.16 -11.09
O3 GOL D . 18.36 -13.43 -11.99
H11 GOL D . 21.44 -13.74 -9.28
H12 GOL D . 19.98 -13.44 -8.86
HO1 GOL D . 20.70 -15.03 -7.61
H2 GOL D . 20.78 -14.72 -11.29
HO2 GOL D . 18.52 -15.40 -10.63
H31 GOL D . 20.02 -12.55 -11.45
H32 GOL D . 19.03 -12.73 -10.29
HO3 GOL D . 18.70 -13.97 -12.55
C1 BUA E . 2.51 -16.34 14.86
C2 BUA E . 2.95 -17.28 13.73
C3 BUA E . 3.00 -18.74 14.22
C4 BUA E . 3.43 -19.70 13.08
O1 BUA E . 3.24 -20.92 13.26
O2 BUA E . 3.86 -19.18 12.03
S SO4 F . -16.89 -25.00 23.71
O1 SO4 F . -17.82 -25.93 24.35
O2 SO4 F . -15.59 -25.64 23.55
O3 SO4 F . -17.42 -24.62 22.39
O4 SO4 F . -16.75 -23.81 24.54
S SO4 G . 15.02 -33.70 -1.49
O1 SO4 G . 13.60 -34.05 -1.44
O2 SO4 G . 15.80 -34.77 -0.88
O3 SO4 G . 15.43 -33.53 -2.89
O4 SO4 G . 15.26 -32.45 -0.77
C1 GOL H . -36.23 -4.17 36.04
O1 GOL H . -36.32 -4.91 34.88
C2 GOL H . -37.61 -3.61 36.46
O2 GOL H . -38.52 -4.55 36.83
C3 GOL H . -37.17 -2.69 37.68
O3 GOL H . -38.28 -2.08 38.23
H11 GOL H . -35.62 -3.41 35.94
H12 GOL H . -35.87 -4.69 36.78
HO1 GOL H . -35.63 -5.40 34.85
H2 GOL H . -38.06 -3.15 35.74
HO2 GOL H . -39.11 -4.14 37.31
H31 GOL H . -36.52 -2.05 37.35
H32 GOL H . -36.70 -3.25 38.31
HO3 GOL H . -38.73 -1.82 37.57
C1 BUA I . -13.32 10.42 17.67
C2 BUA I . -14.73 10.94 18.05
C3 BUA I . -15.11 12.11 17.13
C4 BUA I . -16.52 12.65 17.49
O1 BUA I . -17.12 12.11 18.44
O2 BUA I . -16.95 13.58 16.79
S SO4 J . -11.04 10.80 -5.35
O1 SO4 J . -9.74 10.17 -5.22
O2 SO4 J . -12.10 9.81 -5.17
O3 SO4 J . -11.15 11.40 -6.69
O4 SO4 J . -11.19 11.85 -4.35
S SO4 K . -32.84 9.40 40.77
O1 SO4 K . -33.47 9.17 42.07
O2 SO4 K . -32.00 8.26 40.44
O3 SO4 K . -33.89 9.55 39.76
O4 SO4 K . -32.03 10.61 40.82
S SO4 L . -35.75 23.16 25.23
O1 SO4 L . -35.93 22.57 23.92
O2 SO4 L . -36.69 22.56 26.17
O3 SO4 L . -35.99 24.61 25.16
O4 SO4 L . -34.38 22.93 25.70
S SO4 M . -24.18 10.75 -10.17
O1 SO4 M . -25.13 11.87 -10.05
O2 SO4 M . -24.68 9.62 -9.40
O3 SO4 M . -24.07 10.38 -11.57
O4 SO4 M . -22.88 11.16 -9.65
S SO4 N . -20.89 -12.39 32.43
O1 SO4 N . -21.08 -13.44 33.42
O2 SO4 N . -22.09 -12.28 31.60
O3 SO4 N . -19.73 -12.71 31.59
O4 SO4 N . -20.65 -11.12 33.11
C1 GOL O . -2.55 2.33 -20.57
O1 GOL O . -1.28 2.31 -19.98
C2 GOL O . -2.38 2.90 -21.99
O2 GOL O . -3.35 2.45 -22.87
C3 GOL O . -2.45 4.43 -21.78
O3 GOL O . -2.31 5.02 -23.04
H11 GOL O . -3.18 2.88 -20.07
H12 GOL O . -2.95 1.45 -20.62
HO1 GOL O . -0.90 3.04 -20.19
H2 GOL O . -1.54 2.62 -22.38
HO2 GOL O . -3.86 3.11 -23.06
H31 GOL O . -1.75 4.69 -21.15
H32 GOL O . -3.28 4.65 -21.34
HO3 GOL O . -2.10 4.39 -23.57
C1 BUA P . 31.06 11.11 -23.78
C2 BUA P . 29.82 11.97 -23.54
C3 BUA P . 29.96 13.32 -24.25
C4 BUA P . 28.70 14.19 -24.02
O1 BUA P . 27.77 13.70 -23.33
O2 BUA P . 28.69 15.33 -24.57
S SO4 Q . 37.20 14.53 -45.92
O1 SO4 Q . 37.23 14.99 -44.53
O2 SO4 Q . 35.84 14.10 -46.26
O3 SO4 Q . 38.12 13.41 -46.08
O4 SO4 Q . 37.60 15.62 -46.80
S SO4 R . 11.02 27.62 -16.52
O1 SO4 R . 12.18 26.87 -16.04
O2 SO4 R . 9.80 26.97 -16.07
O3 SO4 R . 11.04 27.68 -17.98
O4 SO4 R . 11.08 28.98 -15.98
S SO4 S . 7.30 25.30 -12.06
O1 SO4 S . 8.00 24.96 -10.82
O2 SO4 S . 6.09 24.50 -12.17
O3 SO4 S . 8.18 25.05 -13.20
O4 SO4 S . 6.94 26.72 -12.03
S SO4 T . 8.28 10.96 -4.15
O1 SO4 T . 7.23 9.96 -4.08
O2 SO4 T . 8.41 11.64 -2.85
O3 SO4 T . 7.93 11.95 -5.16
O4 SO4 T . 9.54 10.31 -4.48
S SO4 U . 25.86 18.11 -52.11
O1 SO4 U . 24.61 18.26 -51.37
O2 SO4 U . 26.19 16.70 -52.25
O3 SO4 U . 25.71 18.72 -53.44
O4 SO4 U . 26.94 18.80 -51.40
S SO4 V . 0.27 19.85 -28.45
O1 SO4 V . -0.95 19.68 -27.67
O2 SO4 V . 1.34 19.07 -27.86
O3 SO4 V . 0.04 19.40 -29.83
O4 SO4 V . 0.65 21.26 -28.47
#